data_4U1A
#
_entry.id   4U1A
#
_cell.length_a   74.440
_cell.length_b   95.340
_cell.length_c   129.970
_cell.angle_alpha   90.00
_cell.angle_beta   90.00
_cell.angle_gamma   90.00
#
_symmetry.space_group_name_H-M   'P 21 21 21'
#
loop_
_entity.id
_entity.type
_entity.pdbx_description
1 polymer 'Enoyl-CoA delta isomerase 2'
2 non-polymer 'CHLORIDE ION'
3 water water
#
_entity_poly.entity_id   1
_entity_poly.type   'polypeptide(L)'
_entity_poly.pdbx_seq_one_letter_code
;MHHHHHHSSGVDLGTENLYFQSMGFETLVVTSEDGITKIMFNRPKKKNAINTEMYHEIMRALKAASKDDSIITVLTGNGD
YYSSGNDLTNFTDIPPGGVEEKAKNNAVLLREFVGCFIDFPKPLIAVVNGPAVGISVTLLGLFDAVYASDRATFHTPFSH
LGQSPEGCSSYTFPKIMSPAKATEMLIFGKKLTAGEACAQGLVTEVFPDSTFQKEVWTRLKAFAKLPPNALRISKEVIRK
REREKLHAVNAEECNVLQGRWLSDECTNAV
;
_entity_poly.pdbx_strand_id   A,B,C
#
loop_
_chem_comp.id
_chem_comp.type
_chem_comp.name
_chem_comp.formula
CL non-polymer 'CHLORIDE ION' 'Cl -1'
#
# COMPACT_ATOMS: atom_id res chain seq x y z
N GLY A 24 -13.84 18.13 33.16
CA GLY A 24 -12.73 18.47 34.10
C GLY A 24 -11.32 18.18 33.64
N PHE A 25 -10.85 18.87 32.60
CA PHE A 25 -9.51 18.69 32.03
C PHE A 25 -8.73 20.00 32.01
N GLU A 26 -7.42 19.91 32.22
CA GLU A 26 -6.58 21.09 32.37
C GLU A 26 -6.01 21.54 31.02
N THR A 27 -5.67 20.57 30.18
CA THR A 27 -4.94 20.82 28.94
C THR A 27 -5.80 20.53 27.71
N LEU A 28 -6.98 19.96 27.92
CA LEU A 28 -7.93 19.67 26.82
C LEU A 28 -9.29 20.32 27.04
N VAL A 29 -10.07 20.35 25.99
CA VAL A 29 -11.48 20.69 26.11
C VAL A 29 -12.29 19.55 25.49
N VAL A 30 -13.00 18.81 26.33
CA VAL A 30 -13.73 17.65 25.87
C VAL A 30 -15.24 17.92 25.88
N THR A 31 -15.91 17.85 24.73
CA THR A 31 -17.34 18.11 24.67
C THR A 31 -18.01 16.99 23.91
N SER A 32 -19.33 16.86 24.08
CA SER A 32 -20.09 15.79 23.44
C SER A 32 -21.50 16.21 23.03
N GLU A 33 -21.74 16.28 21.74
CA GLU A 33 -22.97 16.84 21.19
C GLU A 33 -23.21 16.13 19.86
N ASP A 34 -24.46 15.71 19.63
CA ASP A 34 -24.88 15.18 18.33
C ASP A 34 -24.31 13.78 18.10
N GLY A 35 -23.99 13.07 19.17
CA GLY A 35 -23.23 11.79 19.04
C GLY A 35 -21.79 11.92 18.51
N ILE A 36 -21.22 13.11 18.60
CA ILE A 36 -19.82 13.35 18.30
C ILE A 36 -19.11 13.82 19.56
N THR A 37 -18.10 13.09 20.01
CA THR A 37 -17.27 13.60 21.07
C THR A 37 -16.13 14.33 20.42
N LYS A 38 -15.96 15.60 20.77
CA LYS A 38 -14.86 16.42 20.29
C LYS A 38 -13.81 16.59 21.39
N ILE A 39 -12.56 16.22 21.10
CA ILE A 39 -11.44 16.39 22.01
C ILE A 39 -10.50 17.45 21.43
N MET A 40 -10.39 18.59 22.11
CA MET A 40 -9.59 19.70 21.62
C MET A 40 -8.39 19.92 22.46
N PHE A 41 -7.20 19.82 21.86
CA PHE A 41 -5.96 20.25 22.52
C PHE A 41 -6.13 21.72 22.92
N ASN A 42 -5.75 22.04 24.15
CA ASN A 42 -5.98 23.37 24.63
C ASN A 42 -4.83 23.99 25.39
N ARG A 43 -3.73 24.24 24.68
CA ARG A 43 -2.57 24.91 25.23
C ARG A 43 -2.04 25.76 24.10
N PRO A 44 -2.88 26.65 23.57
CA PRO A 44 -2.61 27.38 22.32
C PRO A 44 -1.42 28.29 22.47
N LYS A 45 -1.21 28.78 23.70
CA LYS A 45 -0.03 29.56 24.06
C LYS A 45 1.25 28.80 23.74
N LYS A 46 1.24 27.49 23.96
CA LYS A 46 2.42 26.66 23.73
C LYS A 46 2.28 25.83 22.46
N LYS A 47 1.53 26.36 21.47
CA LYS A 47 1.25 25.66 20.22
C LYS A 47 0.77 24.22 20.42
N ASN A 48 -0.02 24.01 21.46
CA ASN A 48 -0.63 22.73 21.79
C ASN A 48 0.36 21.60 22.01
N ALA A 49 1.53 21.95 22.55
CA ALA A 49 2.56 20.97 22.87
C ALA A 49 1.99 19.92 23.83
N ILE A 50 2.36 18.67 23.64
CA ILE A 50 1.84 17.60 24.48
C ILE A 50 2.76 17.32 25.65
N ASN A 51 2.34 17.74 26.84
CA ASN A 51 3.20 17.49 28.00
C ASN A 51 2.71 16.30 28.79
N THR A 52 3.46 15.91 29.82
CA THR A 52 3.11 14.71 30.57
C THR A 52 1.63 14.68 30.93
N GLU A 53 1.10 15.82 31.36
CA GLU A 53 -0.29 15.84 31.80
C GLU A 53 -1.25 15.58 30.65
N MET A 54 -0.98 16.20 29.50
CA MET A 54 -1.82 16.01 28.33
C MET A 54 -1.83 14.56 27.81
N TYR A 55 -0.70 13.86 27.91
CA TYR A 55 -0.71 12.43 27.63
C TYR A 55 -1.78 11.75 28.49
N HIS A 56 -1.76 12.02 29.80
CA HIS A 56 -2.69 11.34 30.70
C HIS A 56 -4.11 11.71 30.39
N GLU A 57 -4.32 12.99 30.11
CA GLU A 57 -5.66 13.50 29.85
C GLU A 57 -6.21 12.91 28.55
N ILE A 58 -5.44 12.99 27.47
CA ILE A 58 -5.83 12.34 26.21
C ILE A 58 -6.22 10.87 26.40
N MET A 59 -5.44 10.13 27.16
CA MET A 59 -5.82 8.73 27.46
C MET A 59 -7.14 8.65 28.19
N ARG A 60 -7.34 9.49 29.20
CA ARG A 60 -8.59 9.40 29.96
C ARG A 60 -9.76 9.81 29.08
N ALA A 61 -9.53 10.80 28.22
CA ALA A 61 -10.57 11.28 27.31
C ALA A 61 -11.01 10.20 26.32
N LEU A 62 -10.03 9.48 25.74
CA LEU A 62 -10.35 8.40 24.81
C LEU A 62 -11.04 7.25 25.52
N LYS A 63 -10.52 6.89 26.70
CA LYS A 63 -11.07 5.80 27.50
C LYS A 63 -12.57 6.09 27.76
N ALA A 64 -12.86 7.36 28.08
CA ALA A 64 -14.20 7.87 28.21
C ALA A 64 -15.01 7.77 26.93
N ALA A 65 -14.46 8.29 25.81
CA ALA A 65 -15.22 8.35 24.55
C ALA A 65 -15.46 6.95 24.02
N SER A 66 -14.58 6.02 24.41
CA SER A 66 -14.68 4.64 23.97
C SER A 66 -15.91 3.97 24.61
N LYS A 67 -16.28 4.41 25.80
CA LYS A 67 -17.37 3.84 26.55
C LYS A 67 -18.68 4.61 26.43
N ASP A 68 -18.64 5.93 26.18
CA ASP A 68 -19.87 6.74 26.16
C ASP A 68 -20.80 6.35 24.98
N ASP A 69 -21.75 7.20 24.63
CA ASP A 69 -22.67 6.86 23.53
C ASP A 69 -22.52 7.73 22.29
N SER A 70 -21.33 8.28 22.10
CA SER A 70 -21.03 8.99 20.87
C SER A 70 -20.76 7.96 19.78
N ILE A 71 -21.08 8.31 18.54
CA ILE A 71 -20.86 7.45 17.40
C ILE A 71 -19.42 7.62 16.90
N ILE A 72 -18.88 8.84 17.07
CA ILE A 72 -17.71 9.34 16.34
C ILE A 72 -16.85 10.21 17.26
N THR A 73 -15.52 10.05 17.20
CA THR A 73 -14.62 10.89 18.02
C THR A 73 -13.64 11.70 17.18
N VAL A 74 -13.55 12.98 17.49
CA VAL A 74 -12.71 13.91 16.75
C VAL A 74 -11.62 14.45 17.65
N LEU A 75 -10.42 14.58 17.11
CA LEU A 75 -9.34 15.29 17.77
C LEU A 75 -8.98 16.52 16.98
N THR A 76 -8.77 17.63 17.65
CA THR A 76 -8.45 18.83 16.91
C THR A 76 -7.70 19.78 17.81
N GLY A 77 -7.18 20.85 17.23
CA GLY A 77 -6.33 21.71 18.00
C GLY A 77 -6.95 23.07 18.19
N ASN A 78 -6.75 23.62 19.38
CA ASN A 78 -7.12 24.99 19.66
C ASN A 78 -6.13 25.96 19.03
N GLY A 79 -6.65 26.95 18.34
CA GLY A 79 -5.78 28.02 17.91
C GLY A 79 -5.16 27.77 16.58
N ASP A 80 -3.88 28.12 16.46
CA ASP A 80 -3.25 28.12 15.12
C ASP A 80 -2.51 26.84 14.79
N TYR A 81 -2.17 26.09 15.82
CA TYR A 81 -1.49 24.83 15.62
C TYR A 81 -2.40 23.65 15.81
N TYR A 82 -2.14 22.57 15.10
CA TYR A 82 -2.76 21.31 15.47
C TYR A 82 -2.01 20.91 16.73
N SER A 83 -0.72 20.67 16.58
CA SER A 83 0.17 20.40 17.70
C SER A 83 1.62 20.43 17.27
N SER A 84 2.46 20.86 18.20
CA SER A 84 3.89 20.92 17.95
C SER A 84 4.52 19.62 18.42
N GLY A 85 3.71 18.67 18.85
CA GLY A 85 4.23 17.39 19.33
C GLY A 85 4.71 17.46 20.75
N ASN A 86 5.48 16.46 21.17
CA ASN A 86 6.01 16.35 22.54
C ASN A 86 6.49 17.72 23.07
N ASP A 87 6.23 18.02 24.34
CA ASP A 87 6.71 19.25 24.97
C ASP A 87 8.15 19.05 25.43
N LEU A 88 9.03 19.97 25.05
CA LEU A 88 10.45 19.90 25.42
C LEU A 88 10.70 19.81 26.93
N THR A 89 9.77 20.31 27.73
CA THR A 89 9.88 20.27 29.18
C THR A 89 9.58 18.89 29.85
N ASN A 90 9.26 17.87 29.04
CA ASN A 90 8.98 16.52 29.55
C ASN A 90 10.27 15.77 29.89
N PHE A 91 11.37 16.27 29.33
CA PHE A 91 12.69 15.70 29.53
C PHE A 91 13.39 16.34 30.72
N THR A 92 13.30 17.67 30.81
CA THR A 92 14.04 18.49 31.81
C THR A 92 13.66 18.23 33.30
N ASP A 93 12.38 18.03 33.57
CA ASP A 93 11.94 17.55 34.88
C ASP A 93 12.60 16.19 35.22
N ILE A 94 13.61 16.20 36.10
CA ILE A 94 14.44 14.99 36.38
C ILE A 94 14.09 14.25 37.70
N PRO A 95 13.83 12.91 37.64
CA PRO A 95 13.41 12.12 38.82
C PRO A 95 14.59 11.59 39.68
N PRO A 96 14.29 10.96 40.86
CA PRO A 96 15.33 10.44 41.77
C PRO A 96 16.31 9.42 41.17
N GLY A 97 15.88 8.61 40.19
CA GLY A 97 16.74 7.62 39.52
C GLY A 97 17.57 8.13 38.33
N GLY A 98 17.59 9.44 38.12
CA GLY A 98 18.38 10.04 37.05
C GLY A 98 17.81 9.76 35.67
N VAL A 99 18.62 10.01 34.64
CA VAL A 99 18.18 9.87 33.25
C VAL A 99 17.79 8.44 32.86
N GLU A 100 18.39 7.47 33.56
CA GLU A 100 18.06 6.08 33.40
C GLU A 100 16.56 5.82 33.57
N GLU A 101 16.01 6.33 34.66
CA GLU A 101 14.63 6.05 35.05
C GLU A 101 13.63 6.93 34.30
N LYS A 102 13.98 8.21 34.08
CA LYS A 102 13.20 9.12 33.24
C LYS A 102 12.90 8.48 31.88
N ALA A 103 13.94 7.94 31.24
CA ALA A 103 13.80 7.25 29.97
C ALA A 103 12.82 6.09 30.10
N LYS A 104 13.06 5.21 31.08
CA LYS A 104 12.21 4.05 31.25
C LYS A 104 10.76 4.40 31.52
N ASN A 105 10.54 5.49 32.24
CA ASN A 105 9.19 5.94 32.50
C ASN A 105 8.52 6.55 31.31
N ASN A 106 9.24 7.39 30.59
CA ASN A 106 8.69 7.96 29.40
C ASN A 106 8.36 6.88 28.39
N ALA A 107 9.23 5.87 28.27
CA ALA A 107 8.96 4.77 27.35
C ALA A 107 7.68 4.02 27.72
N VAL A 108 7.41 3.86 29.00
CA VAL A 108 6.25 3.09 29.41
C VAL A 108 4.99 3.87 29.07
N LEU A 109 5.03 5.17 29.35
CA LEU A 109 3.90 6.07 29.11
C LEU A 109 3.59 6.14 27.65
N LEU A 110 4.62 6.36 26.82
CA LEU A 110 4.44 6.48 25.38
C LEU A 110 3.82 5.22 24.82
N ARG A 111 4.36 4.07 25.21
CA ARG A 111 3.87 2.78 24.73
C ARG A 111 2.38 2.66 25.05
N GLU A 112 2.02 2.99 26.28
CA GLU A 112 0.65 2.88 26.71
C GLU A 112 -0.28 3.86 25.98
N PHE A 113 0.22 5.07 25.77
CA PHE A 113 -0.46 6.15 25.06
C PHE A 113 -0.77 5.76 23.63
N VAL A 114 0.24 5.33 22.87
CA VAL A 114 0.01 4.88 21.50
C VAL A 114 -1.02 3.73 21.47
N GLY A 115 -0.87 2.78 22.38
CA GLY A 115 -1.80 1.67 22.54
C GLY A 115 -3.26 2.09 22.56
N CYS A 116 -3.57 3.20 23.23
CA CYS A 116 -4.96 3.71 23.25
C CYS A 116 -5.49 3.98 21.89
N PHE A 117 -4.66 4.55 21.02
CA PHE A 117 -5.09 4.78 19.66
C PHE A 117 -5.23 3.48 18.90
N ILE A 118 -4.27 2.55 19.04
CA ILE A 118 -4.39 1.23 18.40
C ILE A 118 -5.70 0.58 18.79
N ASP A 119 -6.14 0.77 20.03
CA ASP A 119 -7.31 0.04 20.55
C ASP A 119 -8.66 0.71 20.41
N PHE A 120 -8.67 2.00 20.10
CA PHE A 120 -9.90 2.74 20.08
C PHE A 120 -10.97 2.12 19.17
N PRO A 121 -12.14 1.82 19.73
CA PRO A 121 -13.10 1.05 18.94
C PRO A 121 -14.05 1.83 18.03
N LYS A 122 -14.32 3.09 18.31
CA LYS A 122 -15.22 3.83 17.42
C LYS A 122 -14.40 4.54 16.37
N PRO A 123 -15.06 4.99 15.31
CA PRO A 123 -14.39 5.78 14.27
C PRO A 123 -13.69 7.01 14.84
N LEU A 124 -12.44 7.21 14.47
CA LEU A 124 -11.64 8.28 15.03
C LEU A 124 -11.15 9.24 13.94
N ILE A 125 -11.43 10.51 14.12
CA ILE A 125 -11.13 11.47 13.06
C ILE A 125 -10.31 12.66 13.52
N ALA A 126 -9.24 12.97 12.79
CA ALA A 126 -8.43 14.12 13.14
C ALA A 126 -8.78 15.30 12.26
N VAL A 127 -9.11 16.41 12.91
CA VAL A 127 -9.38 17.66 12.19
C VAL A 127 -8.14 18.51 12.39
N VAL A 128 -7.29 18.50 11.38
CA VAL A 128 -5.99 19.17 11.45
C VAL A 128 -6.12 20.63 11.02
N ASN A 129 -6.16 21.51 12.03
CA ASN A 129 -6.53 22.90 11.82
C ASN A 129 -5.35 23.77 11.44
N GLY A 130 -4.15 23.25 11.67
CA GLY A 130 -2.91 23.98 11.39
C GLY A 130 -1.74 23.06 11.58
N PRO A 131 -0.52 23.58 11.47
CA PRO A 131 0.73 22.80 11.52
C PRO A 131 0.77 21.71 12.61
N ALA A 132 1.25 20.53 12.23
CA ALA A 132 1.36 19.35 13.10
C ALA A 132 2.79 18.86 13.05
N VAL A 133 3.27 18.38 14.20
CA VAL A 133 4.65 17.99 14.33
C VAL A 133 4.81 16.75 15.20
N GLY A 134 5.78 15.91 14.85
CA GLY A 134 6.18 14.85 15.75
C GLY A 134 5.09 13.83 15.98
N ILE A 135 4.89 13.50 17.26
CA ILE A 135 4.00 12.42 17.67
C ILE A 135 2.58 12.71 17.19
N SER A 136 2.24 13.98 17.09
CA SER A 136 0.91 14.32 16.66
C SER A 136 0.72 13.97 15.17
N VAL A 137 1.83 13.91 14.41
CA VAL A 137 1.74 13.46 13.00
C VAL A 137 1.76 11.94 12.86
N THR A 138 2.73 11.29 13.50
CA THR A 138 2.84 9.84 13.46
C THR A 138 1.54 9.12 13.87
N LEU A 139 0.86 9.62 14.90
CA LEU A 139 -0.41 9.01 15.29
C LEU A 139 -1.45 8.99 14.17
N LEU A 140 -1.33 9.91 13.21
CA LEU A 140 -2.31 10.01 12.13
C LEU A 140 -2.45 8.72 11.33
N GLY A 141 -1.41 7.92 11.29
CA GLY A 141 -1.52 6.60 10.66
C GLY A 141 -2.50 5.67 11.32
N LEU A 142 -2.98 6.02 12.52
CA LEU A 142 -3.90 5.16 13.25
C LEU A 142 -5.34 5.63 13.16
N PHE A 143 -5.53 6.82 12.61
CA PHE A 143 -6.85 7.41 12.57
C PHE A 143 -7.66 6.83 11.43
N ASP A 144 -8.96 7.10 11.41
CA ASP A 144 -9.84 6.55 10.38
C ASP A 144 -10.07 7.54 9.27
N ALA A 145 -10.03 8.82 9.58
CA ALA A 145 -9.98 9.85 8.55
C ALA A 145 -9.19 11.04 9.09
N VAL A 146 -8.65 11.85 8.18
CA VAL A 146 -7.86 12.99 8.58
C VAL A 146 -8.20 14.13 7.64
N TYR A 147 -8.87 15.16 8.14
CA TYR A 147 -9.24 16.31 7.28
C TYR A 147 -8.36 17.47 7.67
N ALA A 148 -7.78 18.12 6.68
CA ALA A 148 -6.83 19.18 6.95
C ALA A 148 -7.19 20.47 6.26
N SER A 149 -6.91 21.58 6.93
CA SER A 149 -6.95 22.90 6.32
C SER A 149 -5.74 23.11 5.42
N ASP A 150 -5.89 23.89 4.37
CA ASP A 150 -4.78 24.09 3.45
C ASP A 150 -3.61 24.84 4.07
N ARG A 151 -3.71 25.22 5.35
CA ARG A 151 -2.53 25.77 6.00
C ARG A 151 -1.96 24.83 7.06
N ALA A 152 -2.45 23.60 7.07
CA ALA A 152 -1.85 22.58 7.91
C ALA A 152 -0.58 22.12 7.23
N THR A 153 0.40 21.71 8.05
CA THR A 153 1.64 21.11 7.53
C THR A 153 1.99 19.94 8.43
N PHE A 154 2.86 19.07 7.94
CA PHE A 154 3.16 17.80 8.62
C PHE A 154 4.65 17.57 8.61
N HIS A 155 5.21 17.44 9.81
CA HIS A 155 6.65 17.41 9.97
C HIS A 155 7.05 16.47 11.09
N THR A 156 7.91 15.50 10.78
CA THR A 156 8.42 14.57 11.79
C THR A 156 9.94 14.55 11.76
N PRO A 157 10.57 15.54 12.44
CA PRO A 157 12.01 15.72 12.30
C PRO A 157 12.78 14.88 13.30
N PHE A 158 12.45 13.60 13.39
CA PHE A 158 13.00 12.72 14.42
C PHE A 158 14.50 12.64 14.39
N SER A 159 15.03 12.20 13.25
CA SER A 159 16.45 11.95 13.13
C SER A 159 17.25 13.24 13.31
N HIS A 160 16.66 14.38 12.96
CA HIS A 160 17.29 15.67 13.29
C HIS A 160 17.59 15.86 14.79
N LEU A 161 16.69 15.42 15.67
CA LEU A 161 16.93 15.46 17.12
C LEU A 161 17.52 14.17 17.70
N GLY A 162 18.18 13.36 16.86
CA GLY A 162 18.78 12.09 17.26
C GLY A 162 17.86 10.95 17.73
N GLN A 163 16.60 10.98 17.29
CA GLN A 163 15.60 9.99 17.71
C GLN A 163 15.11 9.08 16.57
N SER A 164 14.33 8.07 16.95
CA SER A 164 13.78 7.07 16.04
C SER A 164 12.28 7.28 15.91
N PRO A 165 11.63 6.64 14.94
CA PRO A 165 10.21 6.87 14.83
C PRO A 165 9.41 6.20 15.92
N GLU A 166 8.20 6.70 16.10
CA GLU A 166 7.23 6.13 17.04
C GLU A 166 5.78 6.32 16.53
N GLY A 167 4.79 6.00 17.35
CA GLY A 167 3.39 6.12 16.94
C GLY A 167 3.01 5.07 15.92
N CYS A 168 3.83 4.04 15.80
CA CYS A 168 3.66 2.97 14.83
C CYS A 168 4.09 3.40 13.45
N SER A 169 4.67 4.59 13.36
CA SER A 169 4.92 5.19 12.05
C SER A 169 5.95 4.47 11.21
N SER A 170 6.82 3.70 11.86
CA SER A 170 7.81 2.88 11.16
C SER A 170 7.16 1.74 10.39
N TYR A 171 5.89 1.46 10.70
CA TYR A 171 5.14 0.41 10.01
C TYR A 171 4.07 0.99 9.14
N THR A 172 3.35 1.97 9.67
CA THR A 172 2.15 2.49 9.00
C THR A 172 2.52 3.39 7.83
N PHE A 173 3.59 4.17 7.96
CA PHE A 173 3.90 5.22 6.98
C PHE A 173 4.40 4.68 5.65
N PRO A 174 5.23 3.61 5.69
CA PRO A 174 5.60 2.87 4.45
C PRO A 174 4.39 2.22 3.76
N LYS A 175 3.51 1.59 4.55
CA LYS A 175 2.25 1.05 4.04
C LYS A 175 1.36 2.11 3.40
N ILE A 176 1.27 3.26 4.03
CA ILE A 176 0.39 4.32 3.57
C ILE A 176 0.98 5.11 2.41
N MET A 177 2.26 5.41 2.47
CA MET A 177 2.84 6.37 1.55
C MET A 177 3.71 5.77 0.47
N SER A 178 4.08 4.50 0.66
CA SER A 178 5.14 3.77 -0.07
C SER A 178 6.45 4.06 0.64
N PRO A 179 7.32 3.04 0.79
CA PRO A 179 8.60 3.25 1.52
C PRO A 179 9.45 4.41 0.96
N ALA A 180 9.42 4.57 -0.37
CA ALA A 180 10.06 5.69 -1.08
C ALA A 180 9.72 7.06 -0.46
N LYS A 181 8.42 7.33 -0.29
CA LYS A 181 7.97 8.62 0.25
C LYS A 181 8.04 8.69 1.79
N ALA A 182 7.85 7.55 2.46
CA ALA A 182 7.90 7.47 3.93
C ALA A 182 9.29 7.79 4.48
N THR A 183 10.30 7.45 3.69
CA THR A 183 11.68 7.62 4.11
C THR A 183 12.07 9.11 4.06
N GLU A 184 11.61 9.82 3.04
CA GLU A 184 11.89 11.25 2.98
C GLU A 184 11.35 11.96 4.20
N MET A 185 10.43 11.29 4.89
CA MET A 185 9.75 11.95 5.99
C MET A 185 10.21 11.51 7.36
N LEU A 186 10.37 10.22 7.55
CA LEU A 186 10.77 9.70 8.86
C LEU A 186 12.29 9.73 9.07
N ILE A 187 13.02 9.62 7.98
CA ILE A 187 14.46 9.53 8.05
C ILE A 187 15.07 10.88 7.69
N PHE A 188 14.54 11.55 6.68
CA PHE A 188 15.16 12.81 6.29
C PHE A 188 14.39 14.05 6.73
N GLY A 189 13.31 13.87 7.48
CA GLY A 189 12.57 15.01 8.01
C GLY A 189 12.02 16.04 7.03
N LYS A 190 11.73 15.66 5.79
CA LYS A 190 11.03 16.57 4.88
C LYS A 190 9.69 16.99 5.47
N LYS A 191 9.39 18.29 5.42
CA LYS A 191 8.10 18.81 5.87
C LYS A 191 7.07 18.82 4.72
N LEU A 192 5.90 18.21 4.94
CA LEU A 192 4.89 18.15 3.90
C LEU A 192 3.84 19.24 4.03
N THR A 193 3.40 19.76 2.90
CA THR A 193 2.25 20.64 2.92
C THR A 193 1.04 19.75 2.92
N ALA A 194 -0.10 20.33 3.25
CA ALA A 194 -1.36 19.60 3.31
C ALA A 194 -1.66 18.89 2.01
N GLY A 195 -1.40 19.58 0.89
CA GLY A 195 -1.58 19.01 -0.45
C GLY A 195 -0.70 17.79 -0.72
N GLU A 196 0.58 17.91 -0.35
CA GLU A 196 1.50 16.77 -0.40
C GLU A 196 1.03 15.61 0.47
N ALA A 197 0.73 15.91 1.72
CA ALA A 197 0.25 14.90 2.63
C ALA A 197 -1.00 14.20 2.10
N CYS A 198 -1.92 14.96 1.48
CA CYS A 198 -3.16 14.35 0.95
C CYS A 198 -2.82 13.46 -0.25
N ALA A 199 -1.94 13.94 -1.12
CA ALA A 199 -1.44 13.17 -2.25
C ALA A 199 -0.75 11.89 -1.80
N GLN A 200 0.14 12.00 -0.82
CA GLN A 200 0.84 10.83 -0.30
C GLN A 200 0.01 9.87 0.60
N GLY A 201 -1.30 10.07 0.71
CA GLY A 201 -2.18 9.14 1.44
C GLY A 201 -2.40 9.38 2.93
N LEU A 202 -1.67 10.32 3.50
CA LEU A 202 -1.75 10.62 4.93
C LEU A 202 -3.02 11.36 5.35
N VAL A 203 -3.45 12.30 4.52
CA VAL A 203 -4.64 13.07 4.78
C VAL A 203 -5.78 12.67 3.84
N THR A 204 -6.99 12.58 4.37
CA THR A 204 -8.15 12.18 3.59
C THR A 204 -8.58 13.27 2.62
N GLU A 205 -8.67 14.51 3.07
CA GLU A 205 -9.00 15.64 2.19
C GLU A 205 -8.56 16.97 2.74
N VAL A 206 -8.26 17.88 1.85
CA VAL A 206 -7.84 19.22 2.22
C VAL A 206 -8.97 20.18 1.91
N PHE A 207 -9.14 21.18 2.77
CA PHE A 207 -10.14 22.24 2.55
C PHE A 207 -9.48 23.59 2.64
N PRO A 208 -9.96 24.58 1.84
CA PRO A 208 -9.49 25.96 1.95
C PRO A 208 -9.78 26.46 3.35
N ASP A 209 -8.87 27.28 3.89
CA ASP A 209 -8.90 27.63 5.31
C ASP A 209 -10.15 28.36 5.72
N SER A 210 -10.54 29.38 4.94
CA SER A 210 -11.78 30.16 5.20
C SER A 210 -13.03 29.32 5.48
N THR A 211 -13.24 28.26 4.72
CA THR A 211 -14.42 27.42 4.92
C THR A 211 -14.12 26.03 5.53
N PHE A 212 -12.93 25.85 6.06
CA PHE A 212 -12.48 24.56 6.55
C PHE A 212 -13.39 24.03 7.64
N GLN A 213 -13.54 24.82 8.69
CA GLN A 213 -14.32 24.41 9.86
C GLN A 213 -15.75 24.05 9.46
N LYS A 214 -16.37 24.94 8.69
CA LYS A 214 -17.73 24.72 8.24
C LYS A 214 -17.85 23.38 7.54
N GLU A 215 -17.03 23.17 6.51
CA GLU A 215 -17.17 22.00 5.66
C GLU A 215 -17.01 20.67 6.39
N VAL A 216 -15.97 20.59 7.22
CA VAL A 216 -15.70 19.39 7.96
C VAL A 216 -16.84 19.03 8.88
N TRP A 217 -17.33 20.02 9.61
CA TRP A 217 -18.38 19.72 10.58
C TRP A 217 -19.68 19.31 9.91
N THR A 218 -19.96 19.87 8.74
CA THR A 218 -21.18 19.51 8.04
C THR A 218 -21.11 18.03 7.74
N ARG A 219 -19.99 17.65 7.16
CA ARG A 219 -19.75 16.28 6.81
C ARG A 219 -19.77 15.36 8.02
N LEU A 220 -19.17 15.79 9.12
CA LEU A 220 -19.12 14.95 10.29
C LEU A 220 -20.50 14.73 10.87
N LYS A 221 -21.33 15.76 10.81
CA LYS A 221 -22.66 15.70 11.40
C LYS A 221 -23.46 14.66 10.66
N ALA A 222 -23.34 14.66 9.33
CA ALA A 222 -23.90 13.60 8.46
C ALA A 222 -23.44 12.18 8.83
N PHE A 223 -22.13 11.95 8.88
CA PHE A 223 -21.56 10.66 9.26
C PHE A 223 -22.18 10.19 10.57
N ALA A 224 -22.35 11.10 11.53
CA ALA A 224 -22.85 10.73 12.87
C ALA A 224 -24.30 10.21 12.85
N LYS A 225 -24.98 10.46 11.74
CA LYS A 225 -26.33 10.00 11.55
C LYS A 225 -26.43 8.62 10.88
N LEU A 226 -25.29 7.99 10.59
CA LEU A 226 -25.28 6.62 10.05
C LEU A 226 -25.56 5.61 11.16
N PRO A 227 -26.09 4.43 10.77
CA PRO A 227 -26.42 3.34 11.71
C PRO A 227 -25.25 2.99 12.65
N PRO A 228 -25.40 3.30 13.95
CA PRO A 228 -24.25 3.30 14.88
C PRO A 228 -23.48 1.97 15.01
N ASN A 229 -24.18 0.85 15.14
CA ASN A 229 -23.50 -0.44 15.21
C ASN A 229 -22.80 -0.88 13.93
N ALA A 230 -23.31 -0.41 12.80
CA ALA A 230 -22.70 -0.68 11.52
C ALA A 230 -21.30 -0.02 11.40
N LEU A 231 -21.22 1.24 11.81
CA LEU A 231 -19.97 1.95 11.88
C LEU A 231 -19.02 1.23 12.78
N ARG A 232 -19.45 0.90 14.00
CA ARG A 232 -18.57 0.24 14.95
C ARG A 232 -18.19 -1.13 14.46
N ILE A 233 -19.13 -1.89 13.93
CA ILE A 233 -18.77 -3.22 13.48
C ILE A 233 -17.83 -3.20 12.25
N SER A 234 -18.12 -2.33 11.28
CA SER A 234 -17.28 -2.22 10.08
C SER A 234 -15.85 -1.89 10.48
N LYS A 235 -15.67 -0.93 11.37
CA LYS A 235 -14.35 -0.56 11.81
C LYS A 235 -13.68 -1.75 12.43
N GLU A 236 -14.41 -2.43 13.30
CA GLU A 236 -13.92 -3.65 13.90
C GLU A 236 -13.36 -4.65 12.87
N VAL A 237 -14.11 -4.93 11.79
CA VAL A 237 -13.66 -5.86 10.77
C VAL A 237 -12.37 -5.41 10.05
N ILE A 238 -12.27 -4.11 9.76
CA ILE A 238 -11.07 -3.51 9.16
C ILE A 238 -9.89 -3.57 10.11
N ARG A 239 -10.14 -3.33 11.39
CA ARG A 239 -9.05 -2.99 12.27
C ARG A 239 -8.55 -4.11 13.16
N LYS A 240 -9.40 -5.05 13.53
CA LYS A 240 -9.04 -6.02 14.55
C LYS A 240 -7.84 -6.91 14.19
N ARG A 241 -7.86 -7.55 13.02
CA ARG A 241 -6.84 -8.54 12.64
C ARG A 241 -5.45 -7.95 12.66
N GLU A 242 -5.39 -6.61 12.74
CA GLU A 242 -4.20 -5.84 12.48
C GLU A 242 -3.58 -5.27 13.78
N ARG A 243 -4.36 -5.28 14.85
CA ARG A 243 -3.92 -4.70 16.12
C ARG A 243 -2.74 -5.38 16.77
N GLU A 244 -2.77 -6.71 16.82
CA GLU A 244 -1.71 -7.45 17.47
C GLU A 244 -0.34 -7.03 16.86
N LYS A 245 -0.28 -6.93 15.54
CA LYS A 245 0.94 -6.47 14.87
C LYS A 245 1.33 -5.05 15.30
N LEU A 246 0.38 -4.13 15.27
CA LEU A 246 0.61 -2.76 15.66
C LEU A 246 1.11 -2.63 17.09
N HIS A 247 0.55 -3.43 18.00
CA HIS A 247 1.03 -3.40 19.37
C HIS A 247 2.48 -3.85 19.41
N ALA A 248 2.80 -4.92 18.70
CA ALA A 248 4.19 -5.38 18.65
C ALA A 248 5.14 -4.32 18.05
N VAL A 249 4.69 -3.64 17.00
CA VAL A 249 5.45 -2.54 16.41
C VAL A 249 5.64 -1.42 17.43
N ASN A 250 4.55 -1.04 18.10
CA ASN A 250 4.60 -0.01 19.14
C ASN A 250 5.68 -0.33 20.18
N ALA A 251 5.65 -1.57 20.71
CA ALA A 251 6.60 -2.05 21.69
C ALA A 251 8.06 -1.93 21.20
N GLU A 252 8.32 -2.50 20.03
CA GLU A 252 9.63 -2.44 19.45
C GLU A 252 10.12 -0.99 19.32
N GLU A 253 9.24 -0.12 18.81
CA GLU A 253 9.55 1.29 18.59
C GLU A 253 9.92 1.99 19.84
N CYS A 254 9.30 1.57 20.93
CA CYS A 254 9.58 2.14 22.24
C CYS A 254 10.90 1.74 22.86
N ASN A 255 11.32 0.49 22.72
CA ASN A 255 12.65 0.09 23.21
C ASN A 255 13.73 0.83 22.48
N VAL A 256 13.66 0.82 21.17
CA VAL A 256 14.60 1.58 20.37
C VAL A 256 14.59 3.07 20.74
N LEU A 257 13.43 3.61 21.11
CA LEU A 257 13.37 4.99 21.52
C LEU A 257 14.04 5.23 22.88
N GLN A 258 13.73 4.37 23.86
CA GLN A 258 14.40 4.39 25.17
C GLN A 258 15.92 4.49 25.03
N GLY A 259 16.52 3.56 24.28
CA GLY A 259 17.94 3.60 23.94
C GLY A 259 18.40 4.93 23.34
N ARG A 260 17.64 5.45 22.36
CA ARG A 260 17.96 6.73 21.68
C ARG A 260 18.03 7.95 22.60
N TRP A 261 17.29 7.88 23.70
CA TRP A 261 17.25 8.96 24.71
C TRP A 261 18.49 8.98 25.63
N LEU A 262 19.04 7.80 25.91
CA LEU A 262 20.28 7.64 26.68
C LEU A 262 21.56 7.79 25.84
N SER A 263 21.44 8.33 24.63
CA SER A 263 22.57 8.39 23.67
C SER A 263 23.18 9.79 23.54
N ASP A 264 24.39 9.82 22.98
CA ASP A 264 25.14 11.07 22.75
C ASP A 264 24.50 11.99 21.70
N GLU A 265 23.87 11.41 20.68
CA GLU A 265 23.22 12.17 19.60
C GLU A 265 21.92 12.91 19.99
N CYS A 266 21.24 12.44 21.05
CA CYS A 266 20.03 13.09 21.57
C CYS A 266 20.39 14.33 22.38
N MET B 23 40.81 -1.10 -4.07
CA MET B 23 39.67 -0.52 -4.82
C MET B 23 40.11 0.16 -6.13
N GLY B 24 39.94 -0.49 -7.28
CA GLY B 24 39.87 -1.94 -7.43
C GLY B 24 38.76 -2.61 -8.26
N PHE B 25 38.03 -1.86 -9.10
CA PHE B 25 36.82 -2.39 -9.78
C PHE B 25 36.88 -2.29 -11.31
N GLU B 26 36.42 -3.34 -11.99
CA GLU B 26 36.49 -3.39 -13.44
C GLU B 26 35.24 -2.77 -14.11
N THR B 27 34.08 -3.06 -13.53
CA THR B 27 32.77 -2.73 -14.10
C THR B 27 32.05 -1.57 -13.36
N LEU B 28 32.62 -1.16 -12.23
CA LEU B 28 32.08 -0.08 -11.41
C LEU B 28 33.10 1.00 -11.17
N VAL B 29 32.62 2.16 -10.72
CA VAL B 29 33.44 3.22 -10.15
C VAL B 29 32.92 3.60 -8.76
N VAL B 30 33.64 3.16 -7.75
CA VAL B 30 33.27 3.41 -6.37
C VAL B 30 34.06 4.57 -5.74
N THR B 31 33.39 5.63 -5.34
CA THR B 31 34.07 6.76 -4.74
C THR B 31 33.45 7.13 -3.40
N SER B 32 34.19 7.79 -2.53
CA SER B 32 33.64 8.11 -1.22
C SER B 32 34.05 9.50 -0.80
N GLU B 33 33.08 10.40 -0.80
CA GLU B 33 33.32 11.79 -0.45
C GLU B 33 32.14 12.36 0.33
N ASP B 34 32.40 13.10 1.40
CA ASP B 34 31.35 13.79 2.18
C ASP B 34 30.47 12.85 3.00
N GLY B 35 31.00 11.69 3.39
CA GLY B 35 30.19 10.64 4.04
C GLY B 35 29.15 10.00 3.13
N ILE B 36 29.32 10.19 1.82
CA ILE B 36 28.50 9.57 0.79
C ILE B 36 29.31 8.65 -0.11
N THR B 37 29.14 7.34 0.05
CA THR B 37 29.72 6.41 -0.92
C THR B 37 28.86 6.41 -2.19
N LYS B 38 29.45 6.79 -3.32
CA LYS B 38 28.79 6.68 -4.62
C LYS B 38 29.27 5.46 -5.43
N ILE B 39 28.35 4.55 -5.75
CA ILE B 39 28.63 3.38 -6.58
C ILE B 39 28.11 3.58 -8.01
N MET B 40 29.01 3.73 -8.97
CA MET B 40 28.58 4.02 -10.33
C MET B 40 28.79 2.83 -11.22
N PHE B 41 27.71 2.35 -11.82
CA PHE B 41 27.80 1.35 -12.88
C PHE B 41 28.68 1.95 -13.97
N ASN B 42 29.59 1.14 -14.49
CA ASN B 42 30.54 1.63 -15.46
C ASN B 42 30.81 0.69 -16.62
N ARG B 43 29.79 0.49 -17.45
CA ARG B 43 29.87 -0.20 -18.73
C ARG B 43 28.96 0.55 -19.72
N PRO B 44 29.20 1.86 -19.93
CA PRO B 44 28.32 2.74 -20.70
C PRO B 44 28.16 2.30 -22.14
N LYS B 45 29.19 1.64 -22.67
CA LYS B 45 29.18 1.06 -24.01
C LYS B 45 28.10 0.01 -24.13
N LYS B 46 27.88 -0.74 -23.06
CA LYS B 46 26.87 -1.81 -23.05
C LYS B 46 25.63 -1.42 -22.22
N LYS B 47 25.35 -0.11 -22.20
CA LYS B 47 24.21 0.47 -21.50
C LYS B 47 24.13 -0.04 -20.05
N ASN B 48 25.31 -0.22 -19.45
CA ASN B 48 25.47 -0.62 -18.05
C ASN B 48 24.83 -1.96 -17.74
N ALA B 49 24.90 -2.87 -18.70
CA ALA B 49 24.36 -4.20 -18.50
C ALA B 49 25.08 -4.90 -17.33
N ILE B 50 24.35 -5.65 -16.52
CA ILE B 50 24.95 -6.28 -15.34
C ILE B 50 25.40 -7.71 -15.62
N ASN B 51 26.71 -7.91 -15.77
CA ASN B 51 27.23 -9.24 -16.07
C ASN B 51 27.78 -9.91 -14.84
N THR B 52 28.06 -11.21 -14.93
CA THR B 52 28.47 -12.00 -13.76
C THR B 52 29.50 -11.28 -12.90
N GLU B 53 30.38 -10.52 -13.54
CA GLU B 53 31.42 -9.87 -12.78
C GLU B 53 30.83 -8.73 -11.97
N MET B 54 29.95 -7.94 -12.61
CA MET B 54 29.34 -6.78 -11.97
C MET B 54 28.47 -7.17 -10.78
N TYR B 55 27.79 -8.31 -10.88
CA TYR B 55 27.10 -8.85 -9.70
C TYR B 55 28.08 -8.92 -8.51
N HIS B 56 29.21 -9.57 -8.74
CA HIS B 56 30.18 -9.80 -7.67
C HIS B 56 30.76 -8.51 -7.18
N GLU B 57 31.05 -7.61 -8.11
CA GLU B 57 31.56 -6.28 -7.78
C GLU B 57 30.55 -5.46 -6.98
N ILE B 58 29.30 -5.39 -7.46
CA ILE B 58 28.26 -4.74 -6.67
C ILE B 58 28.22 -5.28 -5.24
N MET B 59 28.20 -6.61 -5.09
CA MET B 59 28.15 -7.21 -3.75
C MET B 59 29.34 -6.78 -2.91
N ARG B 60 30.53 -6.81 -3.47
CA ARG B 60 31.71 -6.44 -2.70
C ARG B 60 31.66 -4.95 -2.34
N ALA B 61 31.23 -4.11 -3.28
CA ALA B 61 31.10 -2.68 -3.02
C ALA B 61 30.12 -2.38 -1.87
N LEU B 62 28.97 -3.04 -1.86
CA LEU B 62 28.01 -2.85 -0.78
C LEU B 62 28.50 -3.40 0.56
N LYS B 63 29.07 -4.61 0.55
CA LYS B 63 29.64 -5.20 1.74
C LYS B 63 30.67 -4.21 2.35
N ALA B 64 31.45 -3.58 1.49
CA ALA B 64 32.41 -2.55 1.83
C ALA B 64 31.76 -1.31 2.42
N ALA B 65 30.78 -0.75 1.69
CA ALA B 65 30.10 0.48 2.14
C ALA B 65 29.26 0.25 3.42
N SER B 66 28.86 -1.00 3.66
CA SER B 66 28.07 -1.29 4.85
C SER B 66 28.94 -1.15 6.10
N LYS B 67 30.24 -1.43 5.92
CA LYS B 67 31.24 -1.40 6.98
C LYS B 67 31.95 -0.06 7.12
N ASP B 68 32.21 0.65 6.02
CA ASP B 68 32.98 1.90 6.10
C ASP B 68 32.33 2.97 7.03
N ASP B 69 32.69 4.25 6.86
CA ASP B 69 32.12 5.31 7.71
C ASP B 69 31.34 6.36 6.91
N SER B 70 30.83 5.97 5.75
CA SER B 70 29.94 6.83 4.99
C SER B 70 28.57 6.78 5.65
N ILE B 71 27.84 7.87 5.57
CA ILE B 71 26.52 7.97 6.16
C ILE B 71 25.47 7.32 5.25
N ILE B 72 25.70 7.46 3.93
CA ILE B 72 24.71 7.30 2.88
C ILE B 72 25.32 6.63 1.65
N THR B 73 24.59 5.71 1.01
CA THR B 73 25.12 5.07 -0.17
C THR B 73 24.23 5.29 -1.40
N VAL B 74 24.84 5.72 -2.49
CA VAL B 74 24.13 5.99 -3.73
C VAL B 74 24.50 4.97 -4.80
N LEU B 75 23.54 4.59 -5.63
CA LEU B 75 23.81 3.88 -6.89
C LEU B 75 23.37 4.72 -8.08
N THR B 76 24.18 4.72 -9.11
CA THR B 76 23.79 5.47 -10.27
C THR B 76 24.50 4.89 -11.45
N GLY B 77 24.13 5.33 -12.63
CA GLY B 77 24.68 4.78 -13.84
C GLY B 77 25.59 5.76 -14.52
N ASN B 78 26.57 5.20 -15.21
CA ASN B 78 27.41 6.00 -16.07
C ASN B 78 26.78 6.17 -17.47
N GLY B 79 26.75 7.41 -17.91
CA GLY B 79 26.34 7.66 -19.28
C GLY B 79 24.86 7.87 -19.47
N ASP B 80 24.28 7.23 -20.47
CA ASP B 80 22.90 7.53 -20.80
C ASP B 80 21.90 6.61 -20.15
N TYR B 81 22.36 5.46 -19.70
CA TYR B 81 21.47 4.51 -19.10
C TYR B 81 21.68 4.45 -17.59
N TYR B 82 20.62 4.10 -16.87
CA TYR B 82 20.83 3.70 -15.49
C TYR B 82 21.35 2.31 -15.65
N SER B 83 20.57 1.41 -16.26
CA SER B 83 20.98 0.03 -16.50
C SER B 83 20.00 -0.67 -17.40
N SER B 84 20.50 -1.57 -18.23
CA SER B 84 19.62 -2.36 -19.09
C SER B 84 19.30 -3.70 -18.44
N GLY B 85 19.71 -3.85 -17.19
CA GLY B 85 19.44 -5.09 -16.46
C GLY B 85 20.44 -6.17 -16.84
N ASN B 86 20.16 -7.41 -16.41
CA ASN B 86 20.99 -8.57 -16.69
C ASN B 86 21.61 -8.55 -18.11
N ASP B 87 22.86 -8.97 -18.24
CA ASP B 87 23.57 -9.01 -19.55
C ASP B 87 23.24 -10.30 -20.29
N LEU B 88 22.88 -10.19 -21.55
CA LEU B 88 22.47 -11.35 -22.33
C LEU B 88 23.54 -12.43 -22.42
N THR B 89 24.79 -12.05 -22.19
CA THR B 89 25.94 -12.97 -22.21
C THR B 89 26.18 -13.82 -20.94
N ASN B 90 25.36 -13.65 -19.90
CA ASN B 90 25.50 -14.46 -18.67
C ASN B 90 24.92 -15.84 -18.84
N PHE B 91 24.10 -16.01 -19.87
CA PHE B 91 23.45 -17.27 -20.17
C PHE B 91 24.32 -18.09 -21.13
N THR B 92 24.87 -17.42 -22.15
CA THR B 92 25.59 -18.05 -23.27
C THR B 92 26.91 -18.76 -22.88
N ASP B 93 27.67 -18.18 -21.97
CA ASP B 93 28.82 -18.87 -21.36
C ASP B 93 28.35 -20.18 -20.66
N ILE B 94 28.64 -21.34 -21.26
CA ILE B 94 28.11 -22.64 -20.77
C ILE B 94 29.13 -23.50 -19.97
N PRO B 95 28.77 -23.96 -18.73
CA PRO B 95 29.67 -24.72 -17.82
C PRO B 95 29.64 -26.25 -18.04
N PRO B 96 30.54 -27.02 -17.33
CA PRO B 96 30.66 -28.48 -17.54
C PRO B 96 29.40 -29.34 -17.28
N GLY B 97 28.52 -28.91 -16.39
CA GLY B 97 27.27 -29.66 -16.10
C GLY B 97 26.05 -29.30 -16.95
N GLY B 98 26.26 -28.56 -18.04
CA GLY B 98 25.20 -28.21 -18.99
C GLY B 98 24.25 -27.16 -18.43
N VAL B 99 23.11 -27.00 -19.08
CA VAL B 99 22.13 -25.96 -18.72
C VAL B 99 21.54 -26.16 -17.32
N GLU B 100 21.53 -27.42 -16.88
CA GLU B 100 21.11 -27.79 -15.54
C GLU B 100 21.87 -27.04 -14.45
N GLU B 101 23.19 -26.99 -14.61
CA GLU B 101 24.06 -26.43 -13.62
C GLU B 101 24.19 -24.90 -13.72
N LYS B 102 24.19 -24.37 -14.95
CA LYS B 102 24.20 -22.93 -15.19
C LYS B 102 22.99 -22.23 -14.53
N ALA B 103 21.82 -22.85 -14.70
CA ALA B 103 20.61 -22.42 -14.04
C ALA B 103 20.80 -22.39 -12.52
N LYS B 104 21.15 -23.54 -11.94
CA LYS B 104 21.35 -23.63 -10.51
C LYS B 104 22.40 -22.62 -10.00
N ASN B 105 23.43 -22.34 -10.80
CA ASN B 105 24.46 -21.41 -10.37
C ASN B 105 24.01 -19.97 -10.44
N ASN B 106 23.35 -19.62 -11.54
CA ASN B 106 22.77 -18.31 -11.62
C ASN B 106 21.73 -18.02 -10.53
N ALA B 107 20.86 -18.99 -10.26
CA ALA B 107 19.91 -18.87 -9.13
C ALA B 107 20.60 -18.59 -7.82
N VAL B 108 21.70 -19.28 -7.54
CA VAL B 108 22.37 -19.10 -6.26
C VAL B 108 22.94 -17.71 -6.15
N LEU B 109 23.62 -17.29 -7.21
CA LEU B 109 24.18 -15.96 -7.29
C LEU B 109 23.13 -14.88 -7.16
N LEU B 110 22.04 -15.00 -7.92
CA LEU B 110 20.96 -14.01 -7.85
C LEU B 110 20.46 -13.89 -6.42
N ARG B 111 20.15 -15.03 -5.81
CA ARG B 111 19.54 -15.04 -4.49
C ARG B 111 20.45 -14.29 -3.55
N GLU B 112 21.72 -14.64 -3.58
CA GLU B 112 22.68 -13.97 -2.74
C GLU B 112 22.74 -12.47 -3.03
N PHE B 113 22.75 -12.13 -4.32
CA PHE B 113 22.82 -10.74 -4.77
C PHE B 113 21.68 -9.89 -4.21
N VAL B 114 20.45 -10.36 -4.41
CA VAL B 114 19.28 -9.63 -3.92
C VAL B 114 19.41 -9.43 -2.40
N GLY B 115 19.77 -10.51 -1.69
CA GLY B 115 19.93 -10.50 -0.25
C GLY B 115 20.82 -9.38 0.28
N CYS B 116 21.85 -9.00 -0.46
CA CYS B 116 22.70 -7.89 -0.03
C CYS B 116 21.89 -6.63 0.08
N PHE B 117 21.03 -6.39 -0.90
CA PHE B 117 20.10 -5.26 -0.82
C PHE B 117 19.12 -5.37 0.36
N ILE B 118 18.45 -6.52 0.50
CA ILE B 118 17.58 -6.77 1.65
C ILE B 118 18.30 -6.37 2.93
N ASP B 119 19.59 -6.72 3.04
CA ASP B 119 20.37 -6.61 4.29
C ASP B 119 21.09 -5.29 4.54
N PHE B 120 21.31 -4.52 3.47
CA PHE B 120 22.08 -3.31 3.60
C PHE B 120 21.56 -2.43 4.76
N PRO B 121 22.46 -2.01 5.69
CA PRO B 121 22.01 -1.31 6.91
C PRO B 121 21.95 0.20 6.82
N LYS B 122 22.74 0.83 5.94
CA LYS B 122 22.70 2.29 5.82
C LYS B 122 21.67 2.73 4.80
N PRO B 123 21.24 4.00 4.86
CA PRO B 123 20.32 4.52 3.86
C PRO B 123 20.85 4.30 2.44
N LEU B 124 20.06 3.66 1.59
CA LEU B 124 20.47 3.37 0.24
C LEU B 124 19.67 4.16 -0.81
N ILE B 125 20.34 4.86 -1.69
CA ILE B 125 19.60 5.72 -2.62
C ILE B 125 19.94 5.45 -4.08
N ALA B 126 18.91 5.43 -4.93
CA ALA B 126 19.16 5.25 -6.33
C ALA B 126 18.98 6.58 -7.04
N VAL B 127 20.03 6.96 -7.80
CA VAL B 127 19.98 8.13 -8.64
C VAL B 127 19.81 7.60 -10.04
N VAL B 128 18.57 7.62 -10.51
CA VAL B 128 18.26 7.07 -11.82
C VAL B 128 18.42 8.13 -12.90
N ASN B 129 19.50 7.97 -13.67
CA ASN B 129 19.97 9.00 -14.57
C ASN B 129 19.37 8.85 -15.97
N GLY B 130 18.86 7.66 -16.25
CA GLY B 130 18.30 7.35 -17.56
C GLY B 130 17.65 5.97 -17.53
N PRO B 131 17.15 5.50 -18.69
CA PRO B 131 16.40 4.25 -18.79
C PRO B 131 16.88 3.13 -17.86
N ALA B 132 15.94 2.49 -17.17
CA ALA B 132 16.23 1.33 -16.32
C ALA B 132 15.42 0.13 -16.78
N VAL B 133 16.01 -1.05 -16.67
CA VAL B 133 15.37 -2.27 -17.12
C VAL B 133 15.62 -3.44 -16.16
N GLY B 134 14.66 -4.36 -16.12
CA GLY B 134 14.80 -5.65 -15.46
C GLY B 134 15.18 -5.56 -14.01
N ILE B 135 16.22 -6.31 -13.66
CA ILE B 135 16.64 -6.44 -12.27
C ILE B 135 17.01 -5.07 -11.70
N SER B 136 17.54 -4.17 -12.50
CA SER B 136 17.88 -2.88 -11.97
C SER B 136 16.60 -2.17 -11.48
N VAL B 137 15.45 -2.45 -12.11
CA VAL B 137 14.18 -1.80 -11.72
C VAL B 137 13.61 -2.47 -10.47
N THR B 138 13.45 -3.79 -10.55
CA THR B 138 12.89 -4.58 -9.44
C THR B 138 13.59 -4.32 -8.12
N LEU B 139 14.91 -4.18 -8.13
CA LEU B 139 15.63 -3.85 -6.90
C LEU B 139 15.19 -2.52 -6.27
N LEU B 140 14.60 -1.64 -7.07
CA LEU B 140 14.26 -0.31 -6.62
C LEU B 140 13.30 -0.35 -5.47
N GLY B 141 12.50 -1.40 -5.39
CA GLY B 141 11.63 -1.59 -4.24
C GLY B 141 12.36 -1.81 -2.93
N LEU B 142 13.68 -1.97 -2.95
CA LEU B 142 14.41 -2.21 -1.72
C LEU B 142 15.20 -1.00 -1.25
N PHE B 143 15.20 0.02 -2.07
CA PHE B 143 15.93 1.24 -1.79
C PHE B 143 15.19 2.09 -0.78
N ASP B 144 15.84 3.14 -0.31
CA ASP B 144 15.23 4.01 0.65
C ASP B 144 14.72 5.24 -0.01
N ALA B 145 15.36 5.64 -1.09
CA ALA B 145 14.81 6.72 -1.89
C ALA B 145 15.28 6.49 -3.30
N VAL B 146 14.50 7.02 -4.24
CA VAL B 146 14.81 6.84 -5.63
C VAL B 146 14.60 8.18 -6.35
N TYR B 147 15.68 8.83 -6.81
CA TYR B 147 15.52 10.10 -7.53
C TYR B 147 15.79 9.88 -8.98
N ALA B 148 14.91 10.41 -9.81
CA ALA B 148 15.01 10.16 -11.24
C ALA B 148 14.99 11.44 -12.10
N SER B 149 15.69 11.36 -13.22
CA SER B 149 15.63 12.38 -14.24
C SER B 149 14.40 12.16 -15.09
N ASP B 150 13.80 13.24 -15.59
CA ASP B 150 12.60 13.12 -16.43
C ASP B 150 12.85 12.36 -17.74
N ARG B 151 14.07 11.87 -17.97
CA ARG B 151 14.25 11.01 -19.12
C ARG B 151 14.61 9.57 -18.74
N ALA B 152 14.48 9.28 -17.45
CA ALA B 152 14.53 7.90 -16.97
C ALA B 152 13.23 7.20 -17.31
N THR B 153 13.31 5.90 -17.52
CA THR B 153 12.12 5.08 -17.70
C THR B 153 12.32 3.75 -17.00
N PHE B 154 11.21 3.05 -16.78
CA PHE B 154 11.24 1.85 -15.94
C PHE B 154 10.44 0.75 -16.61
N HIS B 155 11.13 -0.34 -16.89
CA HIS B 155 10.61 -1.41 -17.72
C HIS B 155 11.06 -2.75 -17.15
N THR B 156 10.10 -3.64 -16.88
CA THR B 156 10.40 -5.01 -16.48
C THR B 156 9.69 -6.02 -17.39
N PRO B 157 10.25 -6.27 -18.60
CA PRO B 157 9.57 -7.14 -19.56
C PRO B 157 9.83 -8.62 -19.30
N PHE B 158 9.59 -9.06 -18.08
CA PHE B 158 9.86 -10.45 -17.72
C PHE B 158 9.09 -11.46 -18.56
N SER B 159 7.77 -11.43 -18.45
CA SER B 159 6.94 -12.45 -19.08
C SER B 159 7.08 -12.43 -20.60
N HIS B 160 7.46 -11.29 -21.18
CA HIS B 160 7.83 -11.26 -22.60
C HIS B 160 8.98 -12.22 -22.95
N LEU B 161 10.01 -12.29 -22.10
CA LEU B 161 11.14 -13.22 -22.27
C LEU B 161 10.97 -14.57 -21.58
N GLY B 162 9.72 -14.93 -21.22
CA GLY B 162 9.36 -16.22 -20.58
C GLY B 162 9.75 -16.45 -19.11
N GLN B 163 10.06 -15.35 -18.41
CA GLN B 163 10.55 -15.41 -17.04
C GLN B 163 9.51 -14.92 -16.00
N SER B 164 9.86 -15.09 -14.72
CA SER B 164 9.04 -14.70 -13.59
C SER B 164 9.69 -13.49 -12.93
N PRO B 165 9.01 -12.85 -11.95
CA PRO B 165 9.66 -11.70 -11.29
C PRO B 165 10.74 -12.10 -10.28
N GLU B 166 11.62 -11.14 -9.98
CA GLU B 166 12.66 -11.31 -8.99
C GLU B 166 12.98 -9.97 -8.32
N GLY B 167 14.06 -9.94 -7.53
CA GLY B 167 14.39 -8.73 -6.78
C GLY B 167 13.41 -8.42 -5.67
N CYS B 168 12.62 -9.43 -5.29
CA CYS B 168 11.52 -9.28 -4.34
C CYS B 168 10.29 -8.57 -4.92
N SER B 169 10.34 -8.23 -6.21
CA SER B 169 9.33 -7.37 -6.81
C SER B 169 7.94 -7.95 -6.77
N SER B 170 7.84 -9.28 -6.74
CA SER B 170 6.54 -9.95 -6.65
C SER B 170 5.80 -9.63 -5.35
N TYR B 171 6.53 -9.09 -4.38
CA TYR B 171 5.98 -8.77 -3.07
C TYR B 171 5.97 -7.25 -2.86
N THR B 172 7.08 -6.61 -3.21
CA THR B 172 7.25 -5.21 -2.92
C THR B 172 6.42 -4.35 -3.84
N PHE B 173 6.32 -4.72 -5.11
CA PHE B 173 5.64 -3.87 -6.10
C PHE B 173 4.13 -3.74 -5.93
N PRO B 174 3.42 -4.84 -5.55
CA PRO B 174 1.99 -4.73 -5.20
C PRO B 174 1.80 -3.84 -3.96
N LYS B 175 2.63 -4.06 -2.93
CA LYS B 175 2.59 -3.20 -1.75
C LYS B 175 2.84 -1.73 -2.06
N ILE B 176 3.72 -1.45 -2.99
CA ILE B 176 4.11 -0.07 -3.32
C ILE B 176 3.15 0.59 -4.28
N MET B 177 2.73 -0.13 -5.32
CA MET B 177 1.96 0.46 -6.41
C MET B 177 0.45 0.19 -6.35
N SER B 178 0.06 -0.85 -5.61
CA SER B 178 -1.27 -1.46 -5.62
C SER B 178 -1.19 -2.62 -6.58
N PRO B 179 -1.80 -3.77 -6.25
CA PRO B 179 -1.70 -4.92 -7.16
C PRO B 179 -2.21 -4.60 -8.58
N ALA B 180 -3.22 -3.72 -8.66
CA ALA B 180 -3.76 -3.21 -9.92
C ALA B 180 -2.66 -2.66 -10.86
N LYS B 181 -1.80 -1.78 -10.37
CA LYS B 181 -0.73 -1.17 -11.18
C LYS B 181 0.50 -2.10 -11.28
N ALA B 182 0.74 -2.90 -10.25
CA ALA B 182 1.91 -3.81 -10.22
C ALA B 182 1.83 -4.87 -11.33
N THR B 183 0.60 -5.25 -11.65
CA THR B 183 0.40 -6.31 -12.59
C THR B 183 0.65 -5.82 -13.98
N GLU B 184 0.19 -4.60 -14.27
CA GLU B 184 0.44 -4.03 -15.60
C GLU B 184 1.91 -4.00 -15.90
N MET B 185 2.72 -4.05 -14.87
CA MET B 185 4.14 -3.91 -15.07
C MET B 185 4.92 -5.19 -14.98
N LEU B 186 4.59 -6.06 -14.02
CA LEU B 186 5.33 -7.28 -13.85
C LEU B 186 4.85 -8.40 -14.76
N ILE B 187 3.57 -8.31 -15.13
CA ILE B 187 2.92 -9.37 -15.89
C ILE B 187 2.72 -8.93 -17.33
N PHE B 188 2.33 -7.70 -17.53
CA PHE B 188 2.12 -7.27 -18.90
C PHE B 188 3.24 -6.40 -19.47
N GLY B 189 4.26 -6.15 -18.67
CA GLY B 189 5.44 -5.44 -19.16
C GLY B 189 5.27 -4.01 -19.69
N LYS B 190 4.26 -3.28 -19.24
CA LYS B 190 4.14 -1.86 -19.55
C LYS B 190 5.39 -1.10 -19.10
N LYS B 191 5.82 -0.18 -19.95
CA LYS B 191 6.97 0.64 -19.66
C LYS B 191 6.55 1.98 -19.06
N LEU B 192 7.05 2.28 -17.88
CA LEU B 192 6.64 3.51 -17.19
C LEU B 192 7.58 4.65 -17.50
N THR B 193 7.02 5.84 -17.61
CA THR B 193 7.83 7.05 -17.66
C THR B 193 8.14 7.42 -16.22
N ALA B 194 9.13 8.28 -16.04
CA ALA B 194 9.53 8.73 -14.71
C ALA B 194 8.34 9.33 -13.96
N GLY B 195 7.55 10.15 -14.65
CA GLY B 195 6.35 10.74 -14.05
C GLY B 195 5.37 9.68 -13.54
N GLU B 196 5.12 8.67 -14.38
CA GLU B 196 4.26 7.55 -14.01
C GLU B 196 4.81 6.77 -12.83
N ALA B 197 6.07 6.40 -12.93
CA ALA B 197 6.72 5.73 -11.84
C ALA B 197 6.66 6.53 -10.54
N CYS B 198 6.80 7.85 -10.60
CA CYS B 198 6.74 8.67 -9.37
C CYS B 198 5.33 8.64 -8.80
N ALA B 199 4.34 8.78 -9.69
CA ALA B 199 2.93 8.73 -9.32
C ALA B 199 2.60 7.40 -8.67
N GLN B 200 3.02 6.31 -9.31
CA GLN B 200 2.77 4.98 -8.80
C GLN B 200 3.63 4.57 -7.57
N GLY B 201 4.32 5.52 -6.94
CA GLY B 201 5.05 5.25 -5.71
C GLY B 201 6.48 4.72 -5.80
N LEU B 202 6.94 4.40 -7.02
CA LEU B 202 8.21 3.71 -7.23
C LEU B 202 9.41 4.62 -7.09
N VAL B 203 9.22 5.86 -7.52
CA VAL B 203 10.23 6.91 -7.53
C VAL B 203 9.86 7.94 -6.47
N THR B 204 10.85 8.47 -5.76
CA THR B 204 10.59 9.47 -4.73
C THR B 204 10.30 10.84 -5.34
N GLU B 205 11.10 11.25 -6.32
CA GLU B 205 10.88 12.53 -7.03
C GLU B 205 11.52 12.57 -8.40
N VAL B 206 10.89 13.28 -9.30
CA VAL B 206 11.42 13.49 -10.63
C VAL B 206 12.02 14.89 -10.72
N PHE B 207 13.13 15.01 -11.48
CA PHE B 207 13.76 16.31 -11.76
C PHE B 207 14.00 16.49 -13.26
N PRO B 208 13.85 17.74 -13.76
CA PRO B 208 14.14 18.02 -15.19
C PRO B 208 15.60 17.69 -15.48
N ASP B 209 15.86 17.11 -16.66
CA ASP B 209 17.18 16.54 -16.96
C ASP B 209 18.33 17.51 -16.79
N SER B 210 18.24 18.66 -17.46
CA SER B 210 19.22 19.75 -17.32
C SER B 210 19.74 20.05 -15.88
N THR B 211 18.86 20.07 -14.88
CA THR B 211 19.34 20.37 -13.52
C THR B 211 19.27 19.17 -12.60
N PHE B 212 19.03 17.99 -13.17
CA PHE B 212 18.90 16.76 -12.40
C PHE B 212 20.07 16.52 -11.44
N GLN B 213 21.28 16.43 -12.00
CA GLN B 213 22.47 16.08 -11.23
C GLN B 213 22.73 17.07 -10.10
N LYS B 214 22.56 18.36 -10.41
CA LYS B 214 22.79 19.41 -9.43
C LYS B 214 21.88 19.23 -8.22
N GLU B 215 20.58 19.18 -8.48
CA GLU B 215 19.57 19.18 -7.41
C GLU B 215 19.65 17.98 -6.48
N VAL B 216 19.85 16.80 -7.06
CA VAL B 216 19.95 15.59 -6.25
C VAL B 216 21.11 15.68 -5.26
N TRP B 217 22.26 16.09 -5.80
CA TRP B 217 23.48 16.09 -5.02
C TRP B 217 23.47 17.15 -3.94
N THR B 218 22.86 18.30 -4.25
CA THR B 218 22.66 19.31 -3.23
C THR B 218 21.91 18.67 -2.06
N ARG B 219 20.82 17.96 -2.40
CA ARG B 219 19.94 17.37 -1.43
C ARG B 219 20.62 16.27 -0.67
N LEU B 220 21.35 15.44 -1.40
CA LEU B 220 22.05 14.34 -0.75
C LEU B 220 23.10 14.85 0.24
N LYS B 221 23.79 15.92 -0.15
CA LYS B 221 24.83 16.48 0.67
C LYS B 221 24.25 16.90 2.01
N ALA B 222 23.14 17.63 1.98
CA ALA B 222 22.38 17.97 3.17
C ALA B 222 22.05 16.72 4.02
N PHE B 223 21.47 15.69 3.39
CA PHE B 223 21.05 14.48 4.11
C PHE B 223 22.23 13.90 4.89
N ALA B 224 23.41 13.92 4.26
CA ALA B 224 24.63 13.30 4.81
C ALA B 224 25.16 14.03 6.04
N LYS B 225 24.63 15.24 6.25
CA LYS B 225 24.91 16.03 7.45
C LYS B 225 24.01 15.73 8.65
N LEU B 226 22.99 14.89 8.47
CA LEU B 226 22.11 14.48 9.58
C LEU B 226 22.79 13.51 10.55
N PRO B 227 22.32 13.49 11.81
CA PRO B 227 22.98 12.68 12.86
C PRO B 227 23.10 11.21 12.46
N PRO B 228 24.34 10.70 12.32
CA PRO B 228 24.60 9.43 11.63
C PRO B 228 23.98 8.19 12.26
N ASN B 229 24.04 8.04 13.58
CA ASN B 229 23.39 6.89 14.20
C ASN B 229 21.86 6.93 14.15
N ALA B 230 21.31 8.14 14.16
CA ALA B 230 19.87 8.33 14.04
C ALA B 230 19.34 7.78 12.70
N LEU B 231 19.99 8.17 11.60
CA LEU B 231 19.71 7.63 10.28
C LEU B 231 19.82 6.12 10.29
N ARG B 232 20.95 5.58 10.73
CA ARG B 232 21.12 4.15 10.76
C ARG B 232 20.09 3.47 11.66
N ILE B 233 19.85 4.00 12.86
CA ILE B 233 18.88 3.34 13.72
C ILE B 233 17.42 3.45 13.20
N SER B 234 17.02 4.62 12.71
CA SER B 234 15.67 4.83 12.16
C SER B 234 15.37 3.79 11.07
N LYS B 235 16.31 3.64 10.14
CA LYS B 235 16.15 2.68 9.04
C LYS B 235 16.04 1.28 9.59
N GLU B 236 16.89 0.97 10.55
CA GLU B 236 16.79 -0.29 11.26
C GLU B 236 15.36 -0.56 11.74
N VAL B 237 14.74 0.42 12.37
CA VAL B 237 13.40 0.24 12.92
C VAL B 237 12.37 0.01 11.83
N ILE B 238 12.54 0.67 10.69
CA ILE B 238 11.62 0.52 9.58
C ILE B 238 11.85 -0.80 8.88
N ARG B 239 13.10 -1.20 8.75
CA ARG B 239 13.45 -2.31 7.86
C ARG B 239 13.55 -3.69 8.44
N LYS B 240 13.95 -3.79 9.71
CA LYS B 240 14.29 -5.05 10.33
C LYS B 240 13.16 -6.07 10.34
N ARG B 241 12.00 -5.66 10.89
CA ARG B 241 10.89 -6.61 11.11
C ARG B 241 10.44 -7.31 9.84
N GLU B 242 10.86 -6.74 8.71
CA GLU B 242 10.35 -7.06 7.40
C GLU B 242 11.32 -7.95 6.61
N ARG B 243 12.58 -8.01 7.04
CA ARG B 243 13.63 -8.73 6.33
C ARG B 243 13.40 -10.21 6.20
N GLU B 244 13.10 -10.89 7.29
CA GLU B 244 12.88 -12.31 7.22
C GLU B 244 11.90 -12.69 6.11
N LYS B 245 10.79 -11.94 6.02
CA LYS B 245 9.81 -12.14 4.94
C LYS B 245 10.45 -11.95 3.56
N LEU B 246 11.13 -10.83 3.36
CA LEU B 246 11.79 -10.52 2.08
C LEU B 246 12.75 -11.61 1.62
N HIS B 247 13.56 -12.12 2.56
CA HIS B 247 14.50 -13.20 2.25
C HIS B 247 13.75 -14.43 1.80
N ALA B 248 12.62 -14.73 2.43
CA ALA B 248 11.83 -15.89 2.02
C ALA B 248 11.21 -15.68 0.63
N VAL B 249 10.78 -14.44 0.35
CA VAL B 249 10.25 -14.08 -0.97
C VAL B 249 11.34 -14.21 -2.03
N ASN B 250 12.51 -13.63 -1.75
CA ASN B 250 13.69 -13.79 -2.56
C ASN B 250 13.90 -15.25 -2.96
N ALA B 251 14.01 -16.11 -1.95
CA ALA B 251 14.24 -17.54 -2.16
C ALA B 251 13.21 -18.20 -3.09
N GLU B 252 11.94 -18.01 -2.77
CA GLU B 252 10.83 -18.54 -3.57
C GLU B 252 10.92 -18.05 -5.01
N GLU B 253 11.17 -16.75 -5.18
CA GLU B 253 11.27 -16.12 -6.51
C GLU B 253 12.33 -16.79 -7.33
N CYS B 254 13.41 -17.18 -6.66
CA CYS B 254 14.59 -17.79 -7.29
C CYS B 254 14.38 -19.22 -7.72
N ASN B 255 13.61 -20.01 -6.95
CA ASN B 255 13.26 -21.38 -7.38
C ASN B 255 12.43 -21.36 -8.63
N VAL B 256 11.37 -20.60 -8.58
CA VAL B 256 10.53 -20.35 -9.74
C VAL B 256 11.29 -19.81 -10.94
N LEU B 257 12.28 -18.96 -10.71
CA LEU B 257 13.10 -18.45 -11.80
C LEU B 257 14.03 -19.50 -12.41
N GLN B 258 14.60 -20.35 -11.56
CA GLN B 258 15.46 -21.46 -11.98
C GLN B 258 14.68 -22.36 -12.93
N GLY B 259 13.46 -22.73 -12.54
CA GLY B 259 12.59 -23.54 -13.39
C GLY B 259 12.28 -22.89 -14.71
N ARG B 260 11.96 -21.60 -14.69
CA ARG B 260 11.68 -20.77 -15.89
C ARG B 260 12.80 -20.73 -16.91
N TRP B 261 14.03 -20.87 -16.42
CA TRP B 261 15.21 -20.89 -17.28
C TRP B 261 15.41 -22.23 -18.04
N LEU B 262 15.00 -23.34 -17.43
CA LEU B 262 15.03 -24.67 -18.07
C LEU B 262 13.78 -24.96 -18.92
N SER B 263 13.01 -23.93 -19.28
CA SER B 263 11.73 -24.13 -19.97
C SER B 263 11.76 -23.78 -21.45
N ASP B 264 10.74 -24.27 -22.16
CA ASP B 264 10.58 -24.06 -23.60
C ASP B 264 10.28 -22.60 -23.96
N GLU B 265 9.56 -21.90 -23.09
CA GLU B 265 9.20 -20.49 -23.33
C GLU B 265 10.37 -19.49 -23.19
N CYS B 266 11.42 -19.83 -22.40
CA CYS B 266 12.61 -18.96 -22.23
C CYS B 266 13.53 -19.01 -23.43
N LEU C 18 -16.72 -27.78 -19.21
CA LEU C 18 -16.34 -27.77 -20.68
C LEU C 18 -17.41 -27.23 -21.65
N TYR C 19 -16.98 -26.64 -22.77
CA TYR C 19 -17.83 -25.86 -23.70
C TYR C 19 -17.06 -25.49 -24.96
N PHE C 20 -17.81 -25.17 -26.03
CA PHE C 20 -17.24 -24.85 -27.35
C PHE C 20 -17.64 -23.43 -27.76
N GLN C 21 -16.64 -22.55 -27.71
CA GLN C 21 -16.70 -21.11 -28.01
C GLN C 21 -17.57 -20.27 -27.10
N SER C 22 -18.72 -20.81 -26.69
CA SER C 22 -19.63 -20.04 -25.84
C SER C 22 -20.44 -21.01 -24.95
N MET C 23 -20.74 -20.58 -23.70
CA MET C 23 -21.48 -21.38 -22.70
C MET C 23 -22.89 -20.86 -22.31
N GLY C 24 -23.87 -21.77 -22.28
CA GLY C 24 -25.24 -21.55 -21.89
C GLY C 24 -25.48 -21.17 -20.45
N PHE C 25 -25.75 -19.87 -20.28
CA PHE C 25 -26.11 -19.31 -18.98
C PHE C 25 -27.36 -18.47 -19.08
N GLU C 26 -28.11 -18.39 -17.99
CA GLU C 26 -29.36 -17.59 -17.88
C GLU C 26 -29.21 -16.08 -17.65
N THR C 27 -28.20 -15.76 -16.83
CA THR C 27 -27.91 -14.41 -16.37
C THR C 27 -26.57 -13.88 -16.90
N LEU C 28 -25.80 -14.74 -17.54
CA LEU C 28 -24.50 -14.35 -18.09
C LEU C 28 -24.39 -14.63 -19.57
N VAL C 29 -23.37 -14.03 -20.19
CA VAL C 29 -22.96 -14.37 -21.54
C VAL C 29 -21.48 -14.69 -21.48
N VAL C 30 -21.13 -15.93 -21.75
CA VAL C 30 -19.77 -16.37 -21.62
C VAL C 30 -19.21 -16.85 -22.97
N THR C 31 -18.23 -16.12 -23.49
CA THR C 31 -17.64 -16.39 -24.79
C THR C 31 -16.12 -16.56 -24.67
N SER C 32 -15.53 -17.24 -25.63
CA SER C 32 -14.09 -17.48 -25.63
C SER C 32 -13.49 -17.34 -27.04
N GLU C 33 -12.66 -16.32 -27.22
CA GLU C 33 -12.18 -15.94 -28.52
C GLU C 33 -10.84 -15.24 -28.31
N ASP C 34 -9.81 -15.72 -29.02
CA ASP C 34 -8.49 -15.06 -29.00
C ASP C 34 -7.75 -15.29 -27.73
N GLY C 35 -7.90 -16.48 -27.16
CA GLY C 35 -7.34 -16.80 -25.83
C GLY C 35 -7.83 -15.88 -24.70
N ILE C 36 -8.94 -15.18 -24.95
CA ILE C 36 -9.63 -14.44 -23.92
C ILE C 36 -11.01 -15.01 -23.65
N THR C 37 -11.27 -15.35 -22.38
CA THR C 37 -12.61 -15.71 -21.99
C THR C 37 -13.28 -14.48 -21.43
N LYS C 38 -14.44 -14.11 -22.02
CA LYS C 38 -15.15 -12.91 -21.63
C LYS C 38 -16.44 -13.34 -20.92
N ILE C 39 -16.55 -12.99 -19.65
CA ILE C 39 -17.75 -13.18 -18.86
C ILE C 39 -18.56 -11.88 -18.68
N MET C 40 -19.76 -11.80 -19.26
CA MET C 40 -20.58 -10.61 -19.20
C MET C 40 -21.81 -10.84 -18.31
N PHE C 41 -21.96 -10.00 -17.30
CA PHE C 41 -23.24 -9.90 -16.60
C PHE C 41 -24.28 -9.53 -17.65
N ASN C 42 -25.44 -10.15 -17.59
CA ASN C 42 -26.43 -9.92 -18.62
C ASN C 42 -27.82 -9.82 -18.05
N ARG C 43 -28.07 -8.82 -17.23
CA ARG C 43 -29.42 -8.53 -16.73
C ARG C 43 -29.54 -7.03 -16.80
N PRO C 44 -29.33 -6.46 -17.99
CA PRO C 44 -29.20 -5.01 -18.14
C PRO C 44 -30.51 -4.28 -17.75
N LYS C 45 -31.62 -4.98 -17.94
CA LYS C 45 -32.90 -4.50 -17.44
C LYS C 45 -32.81 -4.19 -15.97
N LYS C 46 -32.13 -5.04 -15.19
CA LYS C 46 -31.99 -4.83 -13.75
C LYS C 46 -30.60 -4.28 -13.34
N LYS C 47 -29.98 -3.47 -14.22
CA LYS C 47 -28.69 -2.86 -13.95
C LYS C 47 -27.68 -3.94 -13.49
N ASN C 48 -27.82 -5.13 -14.05
CA ASN C 48 -26.95 -6.25 -13.79
C ASN C 48 -26.84 -6.60 -12.32
N ALA C 49 -27.95 -6.48 -11.61
CA ALA C 49 -27.98 -6.87 -10.19
C ALA C 49 -27.66 -8.33 -10.03
N ILE C 50 -26.88 -8.67 -9.02
CA ILE C 50 -26.42 -10.05 -8.88
C ILE C 50 -27.37 -10.83 -8.01
N ASN C 51 -28.11 -11.78 -8.57
CA ASN C 51 -29.08 -12.54 -7.81
C ASN C 51 -28.56 -13.92 -7.52
N THR C 52 -29.27 -14.68 -6.71
CA THR C 52 -28.76 -15.98 -6.33
C THR C 52 -28.31 -16.78 -7.54
N GLU C 53 -29.10 -16.78 -8.62
CA GLU C 53 -28.67 -17.53 -9.80
C GLU C 53 -27.35 -17.04 -10.38
N MET C 54 -27.20 -15.73 -10.49
CA MET C 54 -25.97 -15.16 -11.03
C MET C 54 -24.73 -15.53 -10.18
N TYR C 55 -24.89 -15.58 -8.86
CA TYR C 55 -23.81 -16.08 -8.03
C TYR C 55 -23.37 -17.45 -8.52
N HIS C 56 -24.34 -18.33 -8.72
CA HIS C 56 -23.98 -19.68 -9.05
C HIS C 56 -23.37 -19.71 -10.41
N GLU C 57 -23.98 -19.00 -11.36
CA GLU C 57 -23.46 -18.99 -12.71
C GLU C 57 -22.02 -18.43 -12.77
N ILE C 58 -21.80 -17.28 -12.13
CA ILE C 58 -20.47 -16.70 -12.07
C ILE C 58 -19.44 -17.71 -11.56
N MET C 59 -19.76 -18.44 -10.49
CA MET C 59 -18.85 -19.49 -10.01
C MET C 59 -18.62 -20.58 -11.05
N ARG C 60 -19.68 -21.05 -11.69
CA ARG C 60 -19.51 -22.08 -12.71
C ARG C 60 -18.70 -21.51 -13.88
N ALA C 61 -18.99 -20.27 -14.26
CA ALA C 61 -18.21 -19.61 -15.33
C ALA C 61 -16.70 -19.48 -15.05
N LEU C 62 -16.33 -19.09 -13.84
CA LEU C 62 -14.93 -19.03 -13.50
C LEU C 62 -14.31 -20.42 -13.47
N LYS C 63 -15.02 -21.36 -12.87
CA LYS C 63 -14.57 -22.74 -12.77
C LYS C 63 -14.17 -23.24 -14.18
N ALA C 64 -15.06 -22.98 -15.15
CA ALA C 64 -14.83 -23.14 -16.59
C ALA C 64 -13.65 -22.38 -17.15
N ALA C 65 -13.59 -21.07 -16.95
CA ALA C 65 -12.44 -20.32 -17.47
C ALA C 65 -11.12 -20.77 -16.87
N SER C 66 -11.16 -21.25 -15.64
CA SER C 66 -9.96 -21.70 -14.96
C SER C 66 -9.34 -22.91 -15.64
N LYS C 67 -10.19 -23.71 -16.29
CA LYS C 67 -9.85 -25.03 -16.86
C LYS C 67 -9.73 -25.05 -18.38
N ASP C 68 -10.36 -24.11 -19.06
CA ASP C 68 -10.21 -24.08 -20.51
C ASP C 68 -8.81 -23.62 -20.97
N ASP C 69 -8.66 -23.15 -22.20
CA ASP C 69 -7.34 -22.76 -22.71
C ASP C 69 -7.26 -21.28 -23.16
N SER C 70 -8.05 -20.44 -22.53
CA SER C 70 -7.83 -19.01 -22.58
C SER C 70 -6.59 -18.61 -21.73
N ILE C 71 -5.96 -17.53 -22.14
CA ILE C 71 -4.82 -16.97 -21.41
C ILE C 71 -5.29 -16.02 -20.30
N ILE C 72 -6.44 -15.41 -20.51
CA ILE C 72 -6.86 -14.21 -19.82
C ILE C 72 -8.39 -14.22 -19.63
N THR C 73 -8.87 -13.81 -18.47
CA THR C 73 -10.31 -13.75 -18.23
C THR C 73 -10.75 -12.34 -17.91
N VAL C 74 -11.81 -11.92 -18.59
CA VAL C 74 -12.39 -10.60 -18.42
C VAL C 74 -13.78 -10.73 -17.81
N LEU C 75 -14.12 -9.76 -16.95
CA LEU C 75 -15.46 -9.62 -16.39
C LEU C 75 -15.97 -8.25 -16.73
N THR C 76 -17.20 -8.15 -17.24
CA THR C 76 -17.70 -6.88 -17.74
C THR C 76 -19.19 -6.92 -17.67
N GLY C 77 -19.81 -5.77 -17.84
CA GLY C 77 -21.25 -5.74 -17.78
C GLY C 77 -21.89 -5.43 -19.12
N ASN C 78 -23.05 -6.01 -19.34
CA ASN C 78 -23.88 -5.57 -20.43
C ASN C 78 -24.62 -4.26 -20.15
N GLY C 79 -24.64 -3.39 -21.15
CA GLY C 79 -25.51 -2.24 -21.12
C GLY C 79 -24.80 -1.12 -20.44
N ASP C 80 -25.54 -0.36 -19.64
CA ASP C 80 -25.00 0.86 -19.05
C ASP C 80 -24.32 0.67 -17.73
N TYR C 81 -24.68 -0.38 -17.00
CA TYR C 81 -24.12 -0.62 -15.68
C TYR C 81 -23.07 -1.67 -15.73
N TYR C 82 -22.03 -1.54 -14.90
CA TYR C 82 -21.16 -2.67 -14.63
C TYR C 82 -22.02 -3.59 -13.78
N SER C 83 -22.38 -3.14 -12.57
CA SER C 83 -23.35 -3.85 -11.74
C SER C 83 -23.83 -3.01 -10.59
N SER C 84 -25.07 -3.25 -10.21
CA SER C 84 -25.64 -2.61 -9.03
C SER C 84 -25.36 -3.42 -7.74
N GLY C 85 -24.62 -4.51 -7.85
CA GLY C 85 -24.38 -5.33 -6.69
C GLY C 85 -25.49 -6.30 -6.38
N ASN C 86 -25.52 -6.78 -5.13
CA ASN C 86 -26.48 -7.77 -4.69
C ASN C 86 -27.87 -7.39 -5.14
N ASP C 87 -28.70 -8.36 -5.54
CA ASP C 87 -30.08 -8.08 -5.90
C ASP C 87 -30.88 -8.04 -4.63
N LEU C 88 -31.68 -7.00 -4.45
CA LEU C 88 -32.52 -6.83 -3.24
C LEU C 88 -33.47 -8.00 -2.98
N THR C 89 -33.87 -8.65 -4.06
CA THR C 89 -34.76 -9.81 -4.02
C THR C 89 -34.11 -11.13 -3.48
N ASN C 90 -32.84 -11.11 -3.11
CA ASN C 90 -32.16 -12.29 -2.55
C ASN C 90 -32.48 -12.51 -1.09
N PHE C 91 -33.04 -11.46 -0.49
CA PHE C 91 -33.39 -11.49 0.93
C PHE C 91 -34.85 -11.87 1.10
N THR C 92 -35.71 -11.30 0.27
CA THR C 92 -37.16 -11.48 0.39
C THR C 92 -37.68 -12.93 0.19
N ASP C 93 -37.11 -13.68 -0.76
CA ASP C 93 -37.36 -15.14 -0.89
C ASP C 93 -36.99 -15.91 0.40
N ILE C 94 -37.98 -16.24 1.23
CA ILE C 94 -37.73 -16.79 2.56
C ILE C 94 -37.92 -18.33 2.64
N PRO C 95 -36.93 -19.05 3.19
CA PRO C 95 -36.96 -20.52 3.34
C PRO C 95 -37.72 -21.04 4.59
N PRO C 96 -37.96 -22.38 4.65
CA PRO C 96 -38.69 -22.98 5.76
C PRO C 96 -38.09 -22.71 7.13
N GLY C 97 -36.77 -22.52 7.23
CA GLY C 97 -36.11 -22.20 8.50
C GLY C 97 -36.11 -20.72 8.91
N GLY C 98 -36.77 -19.89 8.10
CA GLY C 98 -36.90 -18.45 8.36
C GLY C 98 -35.62 -17.65 8.18
N VAL C 99 -35.55 -16.47 8.79
CA VAL C 99 -34.41 -15.60 8.52
C VAL C 99 -33.12 -16.17 9.06
N GLU C 100 -33.19 -16.91 10.17
CA GLU C 100 -32.06 -17.64 10.72
C GLU C 100 -31.29 -18.38 9.61
N GLU C 101 -32.01 -19.19 8.84
CA GLU C 101 -31.45 -20.10 7.86
C GLU C 101 -31.13 -19.38 6.57
N LYS C 102 -31.96 -18.43 6.18
CA LYS C 102 -31.63 -17.56 5.05
C LYS C 102 -30.25 -16.92 5.21
N ALA C 103 -30.00 -16.34 6.38
CA ALA C 103 -28.71 -15.74 6.69
C ALA C 103 -27.59 -16.76 6.59
N LYS C 104 -27.73 -17.89 7.27
CA LYS C 104 -26.70 -18.92 7.24
C LYS C 104 -26.41 -19.39 5.82
N ASN C 105 -27.44 -19.45 4.99
CA ASN C 105 -27.26 -19.88 3.62
C ASN C 105 -26.60 -18.85 2.79
N ASN C 106 -27.04 -17.62 2.92
CA ASN C 106 -26.41 -16.53 2.18
C ASN C 106 -24.94 -16.35 2.57
N ALA C 107 -24.62 -16.62 3.83
CA ALA C 107 -23.25 -16.50 4.32
C ALA C 107 -22.36 -17.58 3.73
N VAL C 108 -22.92 -18.78 3.58
CA VAL C 108 -22.16 -19.89 2.99
C VAL C 108 -21.84 -19.64 1.51
N LEU C 109 -22.88 -19.28 0.75
CA LEU C 109 -22.76 -18.92 -0.65
C LEU C 109 -21.75 -17.81 -0.84
N LEU C 110 -21.87 -16.74 -0.07
CA LEU C 110 -20.99 -15.57 -0.27
C LEU C 110 -19.54 -15.97 -0.04
N ARG C 111 -19.32 -16.72 1.02
CA ARG C 111 -17.99 -17.14 1.34
C ARG C 111 -17.39 -17.92 0.15
N GLU C 112 -18.13 -18.91 -0.32
CA GLU C 112 -17.69 -19.74 -1.42
C GLU C 112 -17.44 -18.92 -2.68
N PHE C 113 -18.37 -18.03 -2.99
CA PHE C 113 -18.30 -17.09 -4.12
C PHE C 113 -17.00 -16.25 -4.09
N VAL C 114 -16.73 -15.57 -2.99
CA VAL C 114 -15.53 -14.75 -2.92
C VAL C 114 -14.33 -15.66 -3.13
N GLY C 115 -14.35 -16.82 -2.45
CA GLY C 115 -13.29 -17.82 -2.59
C GLY C 115 -12.87 -18.13 -4.02
N CYS C 116 -13.84 -18.28 -4.92
CA CYS C 116 -13.51 -18.47 -6.34
C CYS C 116 -12.57 -17.42 -6.88
N PHE C 117 -12.82 -16.16 -6.53
CA PHE C 117 -11.95 -15.06 -6.98
C PHE C 117 -10.58 -15.14 -6.31
N ILE C 118 -10.54 -15.46 -5.02
CA ILE C 118 -9.25 -15.62 -4.34
C ILE C 118 -8.41 -16.70 -5.03
N ASP C 119 -9.05 -17.74 -5.54
CA ASP C 119 -8.32 -18.87 -6.11
C ASP C 119 -8.07 -18.88 -7.60
N PHE C 120 -8.79 -18.03 -8.35
CA PHE C 120 -8.65 -17.98 -9.79
C PHE C 120 -7.19 -17.91 -10.26
N PRO C 121 -6.74 -18.89 -11.05
CA PRO C 121 -5.33 -18.97 -11.43
C PRO C 121 -4.86 -18.17 -12.66
N LYS C 122 -5.74 -17.84 -13.58
CA LYS C 122 -5.29 -17.02 -14.72
C LYS C 122 -5.40 -15.56 -14.39
N PRO C 123 -4.75 -14.68 -15.19
CA PRO C 123 -4.94 -13.22 -15.04
C PRO C 123 -6.39 -12.84 -15.24
N LEU C 124 -6.91 -12.07 -14.31
CA LEU C 124 -8.31 -11.73 -14.25
C LEU C 124 -8.48 -10.22 -14.37
N ILE C 125 -9.30 -9.78 -15.32
CA ILE C 125 -9.39 -8.35 -15.58
C ILE C 125 -10.81 -7.90 -15.62
N ALA C 126 -11.07 -6.80 -14.93
CA ALA C 126 -12.39 -6.21 -14.97
C ALA C 126 -12.49 -5.05 -15.99
N VAL C 127 -13.49 -5.13 -16.85
CA VAL C 127 -13.79 -4.05 -17.78
C VAL C 127 -15.04 -3.35 -17.24
N VAL C 128 -14.83 -2.23 -16.57
CA VAL C 128 -15.92 -1.56 -15.88
C VAL C 128 -16.52 -0.50 -16.81
N ASN C 129 -17.63 -0.87 -17.43
CA ASN C 129 -18.23 -0.11 -18.51
C ASN C 129 -19.15 0.98 -18.02
N GLY C 130 -19.47 0.95 -16.74
CA GLY C 130 -20.38 1.94 -16.15
C GLY C 130 -20.41 1.72 -14.64
N PRO C 131 -21.28 2.43 -13.94
CA PRO C 131 -21.42 2.42 -12.46
C PRO C 131 -21.39 1.02 -11.83
N ALA C 132 -20.61 0.90 -10.76
CA ALA C 132 -20.43 -0.36 -10.06
C ALA C 132 -20.77 -0.07 -8.64
N VAL C 133 -21.35 -1.08 -7.97
CA VAL C 133 -21.85 -0.93 -6.59
C VAL C 133 -21.66 -2.18 -5.77
N GLY C 134 -21.39 -2.01 -4.48
CA GLY C 134 -21.44 -3.14 -3.55
C GLY C 134 -20.42 -4.20 -3.89
N ILE C 135 -20.85 -5.45 -3.83
CA ILE C 135 -19.96 -6.61 -4.00
C ILE C 135 -19.16 -6.52 -5.31
N SER C 136 -19.76 -5.93 -6.33
CA SER C 136 -19.11 -5.83 -7.60
C SER C 136 -17.90 -4.93 -7.51
N VAL C 137 -17.92 -3.99 -6.55
CA VAL C 137 -16.75 -3.12 -6.32
C VAL C 137 -15.68 -3.76 -5.40
N THR C 138 -16.13 -4.29 -4.24
CA THR C 138 -15.20 -4.90 -3.28
C THR C 138 -14.38 -6.03 -3.91
N LEU C 139 -15.00 -6.88 -4.73
CA LEU C 139 -14.25 -7.92 -5.46
C LEU C 139 -13.09 -7.38 -6.33
N LEU C 140 -13.17 -6.12 -6.80
CA LEU C 140 -12.09 -5.49 -7.56
C LEU C 140 -10.73 -5.56 -6.88
N GLY C 141 -10.67 -5.59 -5.55
CA GLY C 141 -9.40 -5.78 -4.86
C GLY C 141 -8.69 -7.11 -5.13
N LEU C 142 -9.37 -8.04 -5.80
CA LEU C 142 -8.83 -9.37 -6.07
C LEU C 142 -8.43 -9.51 -7.51
N PHE C 143 -8.83 -8.55 -8.34
CA PHE C 143 -8.55 -8.61 -9.77
C PHE C 143 -7.10 -8.28 -10.06
N ASP C 144 -6.64 -8.60 -11.27
CA ASP C 144 -5.28 -8.32 -11.66
C ASP C 144 -5.13 -6.98 -12.35
N ALA C 145 -6.16 -6.55 -13.07
CA ALA C 145 -6.21 -5.18 -13.58
C ALA C 145 -7.66 -4.73 -13.57
N VAL C 146 -7.88 -3.44 -13.66
CA VAL C 146 -9.24 -2.93 -13.70
C VAL C 146 -9.24 -1.76 -14.71
N TYR C 147 -9.94 -1.87 -15.83
CA TYR C 147 -9.99 -0.75 -16.77
C TYR C 147 -11.37 -0.14 -16.75
N ALA C 148 -11.45 1.17 -16.62
CA ALA C 148 -12.75 1.79 -16.42
C ALA C 148 -13.02 2.84 -17.47
N SER C 149 -14.27 2.93 -17.91
CA SER C 149 -14.70 4.06 -18.69
C SER C 149 -14.88 5.27 -17.78
N ASP C 150 -14.65 6.47 -18.32
CA ASP C 150 -14.78 7.67 -17.50
C ASP C 150 -16.20 7.90 -16.98
N ARG C 151 -17.16 7.08 -17.36
CA ARG C 151 -18.45 7.24 -16.74
C ARG C 151 -18.74 6.07 -15.81
N ALA C 152 -17.71 5.28 -15.51
CA ALA C 152 -17.87 4.33 -14.43
C ALA C 152 -17.81 5.09 -13.10
N THR C 153 -18.58 4.65 -12.10
CA THR C 153 -18.43 5.11 -10.71
C THR C 153 -18.34 3.92 -9.75
N PHE C 154 -17.83 4.16 -8.54
CA PHE C 154 -17.67 3.07 -7.58
C PHE C 154 -18.24 3.45 -6.23
N HIS C 155 -19.09 2.58 -5.72
CA HIS C 155 -19.84 2.93 -4.54
C HIS C 155 -20.08 1.71 -3.70
N THR C 156 -19.76 1.80 -2.41
CA THR C 156 -19.97 0.67 -1.50
C THR C 156 -20.64 1.16 -0.23
N PRO C 157 -21.98 1.33 -0.27
CA PRO C 157 -22.71 1.99 0.81
C PRO C 157 -23.16 1.00 1.87
N PHE C 158 -22.21 0.23 2.42
CA PHE C 158 -22.56 -0.87 3.30
C PHE C 158 -23.20 -0.36 4.57
N SER C 159 -22.51 0.54 5.24
CA SER C 159 -22.94 0.93 6.55
C SER C 159 -24.26 1.67 6.44
N HIS C 160 -24.48 2.32 5.31
CA HIS C 160 -25.78 2.93 5.10
C HIS C 160 -26.96 1.91 5.21
N LEU C 161 -26.80 0.70 4.67
CA LEU C 161 -27.83 -0.33 4.85
C LEU C 161 -27.53 -1.28 6.01
N GLY C 162 -26.81 -0.81 7.04
CA GLY C 162 -26.60 -1.60 8.25
C GLY C 162 -25.71 -2.83 8.16
N GLN C 163 -24.88 -2.89 7.13
CA GLN C 163 -23.99 -4.05 6.92
C GLN C 163 -22.49 -3.74 7.05
N SER C 164 -21.67 -4.79 6.99
CA SER C 164 -20.22 -4.69 7.19
C SER C 164 -19.55 -5.10 5.89
N PRO C 165 -18.23 -4.86 5.74
CA PRO C 165 -17.66 -5.10 4.41
C PRO C 165 -17.46 -6.57 4.09
N GLU C 166 -17.31 -6.89 2.82
CA GLU C 166 -17.07 -8.24 2.36
C GLU C 166 -16.24 -8.17 1.08
N GLY C 167 -16.13 -9.26 0.34
CA GLY C 167 -15.23 -9.30 -0.82
C GLY C 167 -13.74 -9.23 -0.46
N CYS C 168 -13.40 -9.36 0.82
CA CYS C 168 -12.05 -9.17 1.30
C CYS C 168 -11.67 -7.71 1.38
N SER C 169 -12.63 -6.84 1.13
CA SER C 169 -12.35 -5.41 1.06
C SER C 169 -11.89 -4.81 2.41
N SER C 170 -12.20 -5.45 3.54
CA SER C 170 -11.74 -4.96 4.85
C SER C 170 -10.23 -5.13 5.02
N TYR C 171 -9.63 -5.91 4.13
CA TYR C 171 -8.20 -6.11 4.11
C TYR C 171 -7.52 -5.48 2.89
N THR C 172 -8.14 -5.63 1.73
CA THR C 172 -7.51 -5.21 0.49
C THR C 172 -7.64 -3.71 0.28
N PHE C 173 -8.80 -3.14 0.58
CA PHE C 173 -8.94 -1.72 0.33
C PHE C 173 -8.00 -0.78 1.12
N PRO C 174 -7.69 -1.13 2.40
CA PRO C 174 -6.72 -0.32 3.14
C PRO C 174 -5.32 -0.44 2.58
N LYS C 175 -4.96 -1.66 2.18
CA LYS C 175 -3.67 -1.92 1.55
C LYS C 175 -3.53 -1.15 0.22
N ILE C 176 -4.60 -1.12 -0.57
CA ILE C 176 -4.58 -0.53 -1.88
C ILE C 176 -4.68 0.98 -1.82
N MET C 177 -5.53 1.50 -0.95
CA MET C 177 -5.87 2.93 -0.99
C MET C 177 -5.24 3.74 0.10
N SER C 178 -4.74 3.06 1.15
CA SER C 178 -4.36 3.64 2.47
C SER C 178 -5.57 3.70 3.34
N PRO C 179 -5.43 3.39 4.64
CA PRO C 179 -6.62 3.33 5.51
C PRO C 179 -7.44 4.64 5.50
N ALA C 180 -6.74 5.77 5.50
CA ALA C 180 -7.34 7.09 5.37
C ALA C 180 -8.42 7.16 4.29
N LYS C 181 -8.09 6.72 3.09
CA LYS C 181 -9.02 6.80 1.97
C LYS C 181 -10.02 5.62 1.96
N ALA C 182 -9.60 4.45 2.43
CA ALA C 182 -10.46 3.26 2.37
C ALA C 182 -11.66 3.42 3.30
N THR C 183 -11.47 4.15 4.39
CA THR C 183 -12.49 4.32 5.39
C THR C 183 -13.62 5.22 4.86
N GLU C 184 -13.27 6.28 4.15
CA GLU C 184 -14.28 7.16 3.59
C GLU C 184 -15.17 6.37 2.68
N MET C 185 -14.67 5.22 2.22
CA MET C 185 -15.46 4.40 1.29
C MET C 185 -16.25 3.25 1.89
N LEU C 186 -15.60 2.42 2.71
CA LEU C 186 -16.25 1.28 3.36
C LEU C 186 -17.09 1.68 4.55
N ILE C 187 -16.67 2.73 5.23
CA ILE C 187 -17.35 3.09 6.44
C ILE C 187 -18.32 4.23 6.18
N PHE C 188 -17.96 5.19 5.35
CA PHE C 188 -18.82 6.36 5.22
C PHE C 188 -19.46 6.47 3.86
N GLY C 189 -19.28 5.43 3.05
CA GLY C 189 -20.00 5.33 1.78
C GLY C 189 -19.84 6.46 0.77
N LYS C 190 -18.68 7.11 0.75
CA LYS C 190 -18.35 8.04 -0.33
C LYS C 190 -18.32 7.30 -1.68
N LYS C 191 -18.99 7.86 -2.66
CA LYS C 191 -18.97 7.32 -4.02
C LYS C 191 -17.79 7.90 -4.81
N LEU C 192 -17.02 7.07 -5.49
CA LEU C 192 -15.88 7.57 -6.24
C LEU C 192 -16.16 7.66 -7.72
N THR C 193 -15.62 8.69 -8.34
CA THR C 193 -15.59 8.74 -9.79
C THR C 193 -14.44 7.86 -10.28
N ALA C 194 -14.47 7.53 -11.56
CA ALA C 194 -13.43 6.70 -12.16
C ALA C 194 -12.05 7.27 -11.90
N GLY C 195 -11.88 8.57 -12.14
CA GLY C 195 -10.62 9.28 -11.89
C GLY C 195 -10.15 9.19 -10.45
N GLU C 196 -11.07 9.41 -9.49
CA GLU C 196 -10.76 9.22 -8.06
C GLU C 196 -10.32 7.80 -7.79
N ALA C 197 -11.10 6.84 -8.27
CA ALA C 197 -10.76 5.44 -8.08
C ALA C 197 -9.42 5.07 -8.69
N CYS C 198 -9.10 5.63 -9.86
CA CYS C 198 -7.79 5.40 -10.50
C CYS C 198 -6.68 5.99 -9.65
N ALA C 199 -6.87 7.26 -9.26
CA ALA C 199 -5.95 7.96 -8.35
C ALA C 199 -5.73 7.19 -7.05
N GLN C 200 -6.80 6.68 -6.42
CA GLN C 200 -6.72 5.91 -5.16
C GLN C 200 -6.27 4.43 -5.30
N GLY C 201 -5.87 4.01 -6.50
CA GLY C 201 -5.26 2.70 -6.70
C GLY C 201 -6.20 1.55 -7.09
N LEU C 202 -7.49 1.85 -7.09
CA LEU C 202 -8.49 0.82 -7.34
C LEU C 202 -8.62 0.43 -8.81
N VAL C 203 -8.45 1.42 -9.69
CA VAL C 203 -8.58 1.25 -11.11
C VAL C 203 -7.18 1.37 -11.72
N THR C 204 -6.88 0.48 -12.66
CA THR C 204 -5.62 0.55 -13.35
C THR C 204 -5.54 1.74 -14.32
N GLU C 205 -6.54 1.90 -15.19
CA GLU C 205 -6.58 3.05 -16.09
C GLU C 205 -7.98 3.44 -16.52
N VAL C 206 -8.22 4.75 -16.65
CA VAL C 206 -9.50 5.26 -17.11
C VAL C 206 -9.36 5.59 -18.60
N PHE C 207 -10.43 5.38 -19.38
CA PHE C 207 -10.49 5.76 -20.79
C PHE C 207 -11.75 6.55 -21.06
N PRO C 208 -11.68 7.51 -22.01
CA PRO C 208 -12.86 8.29 -22.43
C PRO C 208 -13.91 7.36 -23.00
N ASP C 209 -15.17 7.67 -22.74
CA ASP C 209 -16.23 6.70 -22.99
C ASP C 209 -16.31 6.34 -24.43
N SER C 210 -16.30 7.34 -25.31
CA SER C 210 -16.41 7.09 -26.76
C SER C 210 -15.42 6.06 -27.34
N THR C 211 -14.19 6.03 -26.83
CA THR C 211 -13.21 5.08 -27.33
C THR C 211 -12.85 3.98 -26.33
N PHE C 212 -13.66 3.82 -25.29
CA PHE C 212 -13.34 2.92 -24.17
C PHE C 212 -13.22 1.46 -24.60
N GLN C 213 -14.27 0.97 -25.24
CA GLN C 213 -14.34 -0.41 -25.65
C GLN C 213 -13.19 -0.77 -26.60
N LYS C 214 -13.02 0.05 -27.64
CA LYS C 214 -11.93 -0.12 -28.60
C LYS C 214 -10.57 -0.23 -27.92
N GLU C 215 -10.22 0.80 -27.17
CA GLU C 215 -8.91 0.85 -26.55
C GLU C 215 -8.63 -0.36 -25.68
N VAL C 216 -9.53 -0.65 -24.74
CA VAL C 216 -9.37 -1.78 -23.84
C VAL C 216 -9.15 -3.09 -24.55
N TRP C 217 -9.98 -3.35 -25.57
CA TRP C 217 -9.84 -4.62 -26.29
C TRP C 217 -8.57 -4.75 -27.13
N THR C 218 -8.08 -3.65 -27.65
CA THR C 218 -6.87 -3.71 -28.40
C THR C 218 -5.77 -4.17 -27.45
N ARG C 219 -5.69 -3.48 -26.32
CA ARG C 219 -4.71 -3.78 -25.32
C ARG C 219 -4.82 -5.22 -24.81
N LEU C 220 -6.05 -5.68 -24.59
CA LEU C 220 -6.25 -7.03 -24.11
C LEU C 220 -5.82 -8.11 -25.07
N LYS C 221 -6.09 -7.86 -26.36
CA LYS C 221 -5.71 -8.80 -27.41
C LYS C 221 -4.20 -8.99 -27.44
N ALA C 222 -3.47 -7.87 -27.35
CA ALA C 222 -2.01 -7.87 -27.19
C ALA C 222 -1.56 -8.75 -26.00
N PHE C 223 -2.06 -8.42 -24.82
CA PHE C 223 -1.75 -9.17 -23.58
C PHE C 223 -1.92 -10.66 -23.76
N ALA C 224 -2.95 -11.06 -24.51
CA ALA C 224 -3.26 -12.47 -24.73
C ALA C 224 -2.21 -13.19 -25.56
N LYS C 225 -1.40 -12.40 -26.26
CA LYS C 225 -0.35 -12.93 -27.12
C LYS C 225 0.98 -13.17 -26.40
N LEU C 226 1.01 -12.90 -25.10
CA LEU C 226 2.23 -13.11 -24.29
C LEU C 226 2.36 -14.59 -23.93
N PRO C 227 3.60 -15.03 -23.65
CA PRO C 227 3.89 -16.43 -23.29
C PRO C 227 2.97 -16.99 -22.18
N PRO C 228 2.11 -17.96 -22.52
CA PRO C 228 1.00 -18.30 -21.64
C PRO C 228 1.44 -18.76 -20.26
N ASN C 229 2.42 -19.65 -20.21
CA ASN C 229 2.88 -20.15 -18.94
C ASN C 229 3.58 -19.08 -18.06
N ALA C 230 4.23 -18.13 -18.72
CA ALA C 230 4.84 -17.02 -18.02
C ALA C 230 3.80 -16.19 -17.24
N LEU C 231 2.70 -15.85 -17.90
CA LEU C 231 1.63 -15.11 -17.26
C LEU C 231 1.07 -15.91 -16.12
N ARG C 232 0.83 -17.19 -16.35
CA ARG C 232 0.24 -18.00 -15.31
C ARG C 232 1.22 -18.17 -14.14
N ILE C 233 2.49 -18.40 -14.45
CA ILE C 233 3.47 -18.55 -13.38
C ILE C 233 3.74 -17.26 -12.60
N SER C 234 3.91 -16.14 -13.33
CA SER C 234 4.09 -14.83 -12.71
C SER C 234 2.96 -14.47 -11.73
N LYS C 235 1.72 -14.63 -12.17
CA LYS C 235 0.61 -14.41 -11.28
C LYS C 235 0.75 -15.31 -10.04
N GLU C 236 1.00 -16.59 -10.27
CA GLU C 236 1.15 -17.53 -9.18
C GLU C 236 2.13 -17.04 -8.10
N VAL C 237 3.24 -16.43 -8.54
CA VAL C 237 4.30 -16.00 -7.59
C VAL C 237 3.87 -14.78 -6.77
N ILE C 238 3.24 -13.84 -7.46
CA ILE C 238 2.59 -12.72 -6.79
C ILE C 238 1.49 -13.17 -5.82
N ARG C 239 0.69 -14.14 -6.23
CA ARG C 239 -0.62 -14.33 -5.59
C ARG C 239 -0.68 -15.40 -4.54
N LYS C 240 0.19 -16.41 -4.65
CA LYS C 240 0.03 -17.60 -3.84
C LYS C 240 0.21 -17.35 -2.34
N ARG C 241 1.30 -16.71 -1.96
CA ARG C 241 1.68 -16.61 -0.55
C ARG C 241 0.64 -15.83 0.23
N GLU C 242 -0.30 -15.26 -0.50
CA GLU C 242 -1.23 -14.29 0.05
C GLU C 242 -2.64 -14.90 0.21
N ARG C 243 -2.90 -16.03 -0.44
CA ARG C 243 -4.24 -16.59 -0.47
C ARG C 243 -4.73 -17.03 0.87
N GLU C 244 -3.84 -17.63 1.66
CA GLU C 244 -4.27 -18.18 2.91
C GLU C 244 -4.87 -17.12 3.82
N LYS C 245 -4.25 -15.95 3.79
CA LYS C 245 -4.71 -14.78 4.54
C LYS C 245 -6.06 -14.31 4.00
N LEU C 246 -6.18 -14.24 2.68
CA LEU C 246 -7.40 -13.75 2.09
C LEU C 246 -8.59 -14.67 2.39
N HIS C 247 -8.38 -15.97 2.29
CA HIS C 247 -9.42 -16.90 2.73
C HIS C 247 -9.86 -16.66 4.19
N ALA C 248 -8.90 -16.49 5.11
CA ALA C 248 -9.17 -16.09 6.51
C ALA C 248 -9.98 -14.80 6.67
N VAL C 249 -9.55 -13.74 5.99
CA VAL C 249 -10.32 -12.51 5.93
C VAL C 249 -11.73 -12.79 5.43
N ASN C 250 -11.85 -13.54 4.32
CA ASN C 250 -13.17 -13.84 3.77
C ASN C 250 -14.09 -14.47 4.81
N ALA C 251 -13.55 -15.49 5.49
CA ALA C 251 -14.27 -16.24 6.50
C ALA C 251 -14.77 -15.33 7.60
N GLU C 252 -13.86 -14.56 8.15
CA GLU C 252 -14.18 -13.62 9.20
C GLU C 252 -15.25 -12.59 8.72
N GLU C 253 -15.08 -12.01 7.53
CA GLU C 253 -16.03 -11.05 6.98
C GLU C 253 -17.41 -11.63 6.86
N CYS C 254 -17.48 -12.92 6.54
CA CYS C 254 -18.78 -13.60 6.41
C CYS C 254 -19.54 -13.84 7.72
N ASN C 255 -18.85 -14.20 8.80
CA ASN C 255 -19.50 -14.34 10.12
C ASN C 255 -20.06 -13.03 10.58
N VAL C 256 -19.22 -12.02 10.56
CA VAL C 256 -19.67 -10.69 10.90
C VAL C 256 -20.83 -10.24 10.04
N LEU C 257 -20.86 -10.69 8.79
CA LEU C 257 -21.97 -10.32 7.95
C LEU C 257 -23.26 -11.08 8.29
N GLN C 258 -23.17 -12.41 8.41
CA GLN C 258 -24.30 -13.21 8.95
C GLN C 258 -24.98 -12.52 10.12
N GLY C 259 -24.21 -12.21 11.17
CA GLY C 259 -24.69 -11.44 12.32
C GLY C 259 -25.44 -10.18 11.94
N ARG C 260 -24.82 -9.31 11.13
CA ARG C 260 -25.42 -8.05 10.66
C ARG C 260 -26.78 -8.19 10.01
N TRP C 261 -27.02 -9.32 9.34
CA TRP C 261 -28.30 -9.60 8.67
C TRP C 261 -29.45 -9.94 9.61
N LEU C 262 -29.10 -10.54 10.75
CA LEU C 262 -30.06 -10.83 11.83
C LEU C 262 -30.32 -9.64 12.80
N SER C 263 -29.83 -8.45 12.47
CA SER C 263 -29.85 -7.28 13.39
C SER C 263 -30.95 -6.28 13.10
N ASP C 264 -31.17 -5.36 14.04
CA ASP C 264 -32.22 -4.35 13.90
C ASP C 264 -31.88 -3.30 12.85
N GLU C 265 -30.60 -2.96 12.72
CA GLU C 265 -30.17 -1.90 11.80
C GLU C 265 -30.27 -2.27 10.31
N CYS C 266 -30.21 -3.58 10.00
CA CYS C 266 -30.42 -4.08 8.63
C CYS C 266 -31.89 -3.91 8.14
N THR C 267 -32.86 -4.27 9.01
CA THR C 267 -34.32 -3.95 8.85
C THR C 267 -34.68 -2.56 9.43
CL CL D . 6.65 10.44 26.62
CL CL E . 22.68 -14.21 -12.37
CL CL F . -25.97 -13.40 -1.06
#